data_6XGW
#
_entry.id   6XGW
#
_cell.length_a   89.578
_cell.length_b   99.050
_cell.length_c   156.088
_cell.angle_alpha   90.000
_cell.angle_beta   90.000
_cell.angle_gamma   90.000
#
_symmetry.space_group_name_H-M   'P 21 21 21'
#
loop_
_entity.id
_entity.type
_entity.pdbx_description
1 polymer 'Mutator family transposase'
2 polymer 'DNA (32-MER)'
3 polymer 'DNA (32-MER)'
#
loop_
_entity_poly.entity_id
_entity_poly.type
_entity_poly.pdbx_seq_one_letter_code
_entity_poly.pdbx_strand_id
1 'polypeptide(L)'
;GSAMARKRIITPEKKELIRNLISEYNITSAKDLQEALKDLLGDTIQNMLEAELDEHLGYEKYESTEEAKSNYRNGYTSKT
LKSSVGQVEIDIPRDRNAEFEPKIVPRYKRDISEIENKIIAMYARGMSTREINEQIQEIYGFEVSAEMVSKITDKILPEI
EEWQKRPLGEVYPIVFIDAIHFSVKNDGIVGKKAVYIVLAIDIEGQKDVIGIYVGENESSKFWLSVLNDLKNRGVKDILI
LCADALSGIKDAINAAFPNTEYQRCIVHQIRNTLKYVSDKDRKEFARDLKRIYTAPNEKAGYDQMLEVSEKWEKKYPAAM
KSWKSNWDVICPFFKYSEELRKIMYTTNTIESLNSSYRRINKSRTVFPGDQSLLKSIYLATVKITSKWTMRYKNWGLILG
QLQIMFEGRI
;
A,B
2 'polydeoxyribonucleotide'
;(DG)(DT)(DT)(DT)(DA)(DC)(DA)(DC)(DA)(DA)(DA)(DA)(DA)(DT)(DA)(DT)(DT)(DT)(DA)(DC)
(DA)(DC)(DT)(DG)(DC)(DC)(DC)(DA)(DA)(DA)(DA)(DA)
;
D
3 'polydeoxyribonucleotide'
;(DT)(DT)(DT)(DT)(DT)(DG)(DG)(DG)(DC)(DA)(DG)(DT)(DG)(DT)(DA)(DA)(DA)(DT)(DA)(DT)
(DT)(DT)(DT)(DT)(DG)(DT)(DG)(DT)(DA)(DA)(DA)(DC)
;
E
#
# COMPACT_ATOMS: atom_id res chain seq x y z
N ILE A 9 13.43 19.67 -29.00
CA ILE A 9 13.97 20.74 -28.17
C ILE A 9 15.38 20.33 -27.72
N ILE A 10 16.20 19.94 -28.70
CA ILE A 10 17.57 19.49 -28.45
C ILE A 10 18.50 20.51 -29.07
N THR A 11 19.07 21.38 -28.25
CA THR A 11 19.98 22.42 -28.71
C THR A 11 21.36 21.82 -28.99
N PRO A 12 22.00 22.22 -30.08
CA PRO A 12 23.37 21.72 -30.35
C PRO A 12 24.37 22.08 -29.26
N GLU A 13 24.18 23.21 -28.58
CA GLU A 13 25.03 23.52 -27.43
C GLU A 13 24.87 22.48 -26.33
N LYS A 14 23.64 22.00 -26.11
CA LYS A 14 23.43 20.92 -25.16
C LYS A 14 24.13 19.64 -25.62
N LYS A 15 24.15 19.38 -26.93
CA LYS A 15 24.85 18.21 -27.45
C LYS A 15 26.34 18.31 -27.19
N GLU A 16 26.93 19.48 -27.44
CA GLU A 16 28.35 19.67 -27.18
C GLU A 16 28.64 19.55 -25.68
N LEU A 17 27.75 20.05 -24.84
CA LEU A 17 27.92 19.91 -23.40
C LEU A 17 27.89 18.44 -22.98
N ILE A 18 26.97 17.66 -23.56
CA ILE A 18 26.90 16.24 -23.25
C ILE A 18 28.18 15.53 -23.68
N ARG A 19 28.67 15.85 -24.89
CA ARG A 19 29.90 15.23 -25.35
C ARG A 19 31.08 15.60 -24.47
N ASN A 20 31.15 16.86 -24.03
CA ASN A 20 32.25 17.28 -23.17
C ASN A 20 32.19 16.59 -21.81
N LEU A 21 30.99 16.44 -21.25
CA LEU A 21 30.88 15.77 -19.96
C LEU A 21 31.17 14.28 -20.08
N ILE A 22 30.84 13.67 -21.22
CA ILE A 22 31.20 12.27 -21.43
C ILE A 22 32.70 12.12 -21.59
N SER A 23 33.34 13.09 -22.24
CA SER A 23 34.78 13.00 -22.45
C SER A 23 35.57 13.24 -21.17
N GLU A 24 35.13 14.21 -20.35
CA GLU A 24 35.90 14.58 -19.17
C GLU A 24 35.76 13.56 -18.04
N TYR A 25 34.56 13.03 -17.84
CA TYR A 25 34.32 12.05 -16.78
C TYR A 25 34.45 10.61 -17.26
N ASN A 26 34.81 10.39 -18.53
CA ASN A 26 35.08 9.07 -19.08
C ASN A 26 33.89 8.12 -18.89
N ILE A 27 32.78 8.50 -19.52
CA ILE A 27 31.58 7.66 -19.49
C ILE A 27 31.73 6.58 -20.55
N THR A 28 31.68 5.32 -20.11
CA THR A 28 31.74 4.18 -21.02
C THR A 28 30.54 3.25 -20.91
N SER A 29 29.72 3.39 -19.87
CA SER A 29 28.54 2.55 -19.70
C SER A 29 27.52 3.34 -18.89
N ALA A 30 26.41 2.67 -18.55
CA ALA A 30 25.36 3.33 -17.79
C ALA A 30 25.75 3.50 -16.32
N LYS A 31 26.45 2.50 -15.76
CA LYS A 31 26.94 2.62 -14.39
C LYS A 31 27.93 3.76 -14.26
N ASP A 32 28.87 3.84 -15.20
CA ASP A 32 29.78 4.98 -15.25
C ASP A 32 29.01 6.29 -15.40
N LEU A 33 27.92 6.27 -16.17
CA LEU A 33 27.15 7.49 -16.39
C LEU A 33 26.46 7.95 -15.10
N GLN A 34 25.91 7.02 -14.32
CA GLN A 34 25.26 7.40 -13.07
C GLN A 34 26.27 7.85 -12.03
N GLU A 35 27.40 7.16 -11.94
CA GLU A 35 28.47 7.60 -11.04
C GLU A 35 28.95 9.00 -11.40
N ALA A 36 29.13 9.25 -12.71
CA ALA A 36 29.53 10.58 -13.15
C ALA A 36 28.42 11.60 -12.93
N LEU A 37 27.17 11.18 -12.96
CA LEU A 37 26.07 12.10 -12.65
C LEU A 37 26.17 12.57 -11.20
N LYS A 38 26.36 11.63 -10.27
CA LYS A 38 26.55 12.00 -8.87
C LYS A 38 27.77 12.91 -8.71
N ASP A 39 28.90 12.53 -9.32
CA ASP A 39 30.11 13.32 -9.21
C ASP A 39 29.93 14.72 -9.78
N LEU A 40 29.19 14.83 -10.90
CA LEU A 40 28.98 16.12 -11.54
C LEU A 40 28.09 17.01 -10.70
N LEU A 41 27.03 16.45 -10.12
CA LEU A 41 26.21 17.22 -9.19
C LEU A 41 27.06 17.77 -8.04
N GLY A 42 27.87 16.90 -7.43
CA GLY A 42 28.72 17.33 -6.35
C GLY A 42 29.70 18.42 -6.76
N ASP A 43 30.35 18.24 -7.90
CA ASP A 43 31.33 19.22 -8.37
C ASP A 43 30.67 20.55 -8.68
N THR A 44 29.49 20.53 -9.30
CA THR A 44 28.80 21.77 -9.61
C THR A 44 28.41 22.52 -8.34
N ILE A 45 27.86 21.80 -7.36
CA ILE A 45 27.50 22.45 -6.11
C ILE A 45 28.72 23.03 -5.41
N GLN A 46 29.83 22.29 -5.41
CA GLN A 46 31.04 22.77 -4.75
C GLN A 46 31.61 24.00 -5.46
N ASN A 47 31.57 24.01 -6.80
CA ASN A 47 32.06 25.16 -7.55
C ASN A 47 31.20 26.39 -7.29
N MET A 48 29.87 26.22 -7.27
CA MET A 48 29.00 27.34 -6.97
C MET A 48 29.23 27.86 -5.56
N LEU A 49 29.49 26.96 -4.61
CA LEU A 49 29.75 27.40 -3.24
C LEU A 49 31.08 28.17 -3.16
N GLU A 50 32.10 27.72 -3.89
CA GLU A 50 33.36 28.45 -3.90
C GLU A 50 33.19 29.82 -4.55
N ALA A 51 32.37 29.91 -5.59
CA ALA A 51 32.10 31.20 -6.21
C ALA A 51 31.37 32.13 -5.24
N GLU A 52 30.41 31.59 -4.48
CA GLU A 52 29.71 32.40 -3.49
C GLU A 52 30.65 32.88 -2.40
N LEU A 53 31.59 32.02 -1.98
CA LEU A 53 32.58 32.44 -0.98
C LEU A 53 33.48 33.53 -1.52
N ASP A 54 33.92 33.40 -2.78
CA ASP A 54 34.72 34.44 -3.40
C ASP A 54 33.96 35.76 -3.47
N GLU A 55 32.65 35.69 -3.76
CA GLU A 55 31.84 36.92 -3.78
C GLU A 55 31.69 37.50 -2.38
N HIS A 56 31.58 36.66 -1.37
CA HIS A 56 31.38 37.16 0.00
C HIS A 56 32.65 37.82 0.52
N LEU A 57 33.79 37.10 0.46
CA LEU A 57 35.03 37.68 0.96
C LEU A 57 35.56 38.78 0.06
N GLY A 58 35.25 38.72 -1.24
CA GLY A 58 35.66 39.75 -2.17
C GLY A 58 36.97 39.54 -2.86
N TYR A 59 37.56 38.35 -2.75
CA TYR A 59 38.83 38.06 -3.40
C TYR A 59 38.98 36.55 -3.55
N GLU A 60 39.76 36.15 -4.56
CA GLU A 60 39.96 34.74 -4.84
C GLU A 60 41.04 34.15 -3.94
N LYS A 61 41.30 32.85 -4.11
CA LYS A 61 42.25 32.14 -3.26
C LYS A 61 43.66 32.66 -3.49
N TYR A 62 44.32 33.08 -2.40
CA TYR A 62 45.71 33.49 -2.42
C TYR A 62 45.95 34.66 -3.39
N GLU A 63 45.25 35.76 -3.12
CA GLU A 63 45.43 36.99 -3.89
C GLU A 63 45.41 38.17 -2.93
N SER A 64 46.43 39.03 -3.04
CA SER A 64 46.60 40.12 -2.10
C SER A 64 45.55 41.21 -2.32
N THR A 65 45.34 42.01 -1.27
CA THR A 65 44.41 43.12 -1.30
C THR A 65 45.07 44.35 -0.69
N GLU A 66 44.79 45.51 -1.28
CA GLU A 66 45.32 46.76 -0.74
C GLU A 66 44.82 47.00 0.68
N GLU A 67 43.50 46.97 0.86
CA GLU A 67 42.93 47.05 2.20
C GLU A 67 43.27 45.79 2.97
N ALA A 68 43.46 45.96 4.29
CA ALA A 68 43.73 44.82 5.16
C ALA A 68 42.57 43.83 5.08
N LYS A 69 42.85 42.62 4.60
CA LYS A 69 41.83 41.60 4.45
C LYS A 69 41.29 41.22 5.82
N SER A 70 40.04 41.60 6.08
CA SER A 70 39.50 41.56 7.44
C SER A 70 39.47 40.14 7.98
N ASN A 71 39.14 39.16 7.15
CA ASN A 71 39.00 37.79 7.63
C ASN A 71 39.46 36.82 6.55
N TYR A 72 40.19 35.79 6.98
CA TYR A 72 40.79 34.81 6.08
C TYR A 72 40.00 33.51 6.08
N ARG A 73 39.86 32.92 4.89
CA ARG A 73 39.24 31.60 4.79
C ARG A 73 40.21 30.54 5.29
N ASN A 74 39.69 29.52 5.94
CA ASN A 74 40.52 28.56 6.67
C ASN A 74 40.12 27.13 6.36
N GLY A 75 39.98 26.80 5.08
CA GLY A 75 39.85 25.43 4.66
C GLY A 75 38.44 25.00 4.30
N TYR A 76 38.24 23.69 4.37
CA TYR A 76 37.01 23.03 3.99
C TYR A 76 36.47 22.23 5.17
N THR A 77 35.21 21.81 5.04
CA THR A 77 34.59 20.89 5.99
C THR A 77 33.57 20.06 5.22
N SER A 78 33.51 18.77 5.56
CA SER A 78 32.71 17.82 4.80
C SER A 78 31.23 17.90 5.17
N LYS A 79 30.39 17.47 4.24
CA LYS A 79 28.94 17.44 4.43
C LYS A 79 28.33 16.50 3.40
N THR A 80 27.44 15.62 3.85
CA THR A 80 26.80 14.64 2.97
C THR A 80 25.38 15.11 2.65
N LEU A 81 25.08 15.20 1.36
CA LEU A 81 23.80 15.71 0.89
C LEU A 81 22.86 14.58 0.48
N LYS A 82 21.57 14.84 0.60
CA LYS A 82 20.53 13.90 0.19
C LYS A 82 19.89 14.44 -1.09
N SER A 83 20.26 13.87 -2.22
CA SER A 83 19.77 14.31 -3.52
C SER A 83 18.79 13.30 -4.10
N SER A 84 18.20 13.69 -5.24
CA SER A 84 17.24 12.82 -5.91
C SER A 84 17.93 11.60 -6.52
N VAL A 85 19.15 11.77 -7.02
CA VAL A 85 19.85 10.63 -7.62
C VAL A 85 20.42 9.73 -6.54
N GLY A 86 20.84 10.29 -5.40
CA GLY A 86 21.38 9.49 -4.33
C GLY A 86 22.06 10.35 -3.29
N GLN A 87 22.92 9.71 -2.50
CA GLN A 87 23.62 10.37 -1.41
C GLN A 87 24.99 10.83 -1.92
N VAL A 88 25.24 12.14 -1.86
CA VAL A 88 26.48 12.73 -2.38
C VAL A 88 27.19 13.47 -1.25
N GLU A 89 28.52 13.44 -1.29
CA GLU A 89 29.36 14.12 -0.32
C GLU A 89 30.11 15.26 -1.00
N ILE A 90 30.13 16.42 -0.35
CA ILE A 90 30.83 17.60 -0.87
C ILE A 90 31.66 18.21 0.25
N ASP A 91 32.63 19.02 -0.16
CA ASP A 91 33.48 19.78 0.75
C ASP A 91 33.14 21.26 0.59
N ILE A 92 32.67 21.89 1.66
CA ILE A 92 32.26 23.28 1.61
C ILE A 92 33.35 24.15 2.23
N PRO A 93 33.63 25.34 1.68
CA PRO A 93 34.64 26.21 2.28
C PRO A 93 34.09 26.89 3.53
N ARG A 94 34.97 27.62 4.21
CA ARG A 94 34.62 28.21 5.50
C ARG A 94 35.48 29.43 5.76
N ASP A 95 34.87 30.44 6.37
CA ASP A 95 35.56 31.63 6.84
C ASP A 95 35.91 31.45 8.31
N ARG A 96 36.94 32.18 8.76
CA ARG A 96 37.43 32.01 10.13
C ARG A 96 36.38 32.44 11.14
N ASN A 97 35.78 33.61 10.94
CA ASN A 97 34.71 34.08 11.82
C ASN A 97 33.36 33.45 11.49
N ALA A 98 33.30 32.55 10.51
CA ALA A 98 32.06 31.89 10.09
C ALA A 98 31.01 32.91 9.68
N GLU A 99 31.37 33.78 8.73
CA GLU A 99 30.47 34.80 8.24
C GLU A 99 29.80 34.42 6.92
N PHE A 100 30.39 33.50 6.17
CA PHE A 100 29.86 33.11 4.87
C PHE A 100 28.61 32.26 5.02
N GLU A 101 27.62 32.53 4.18
CA GLU A 101 26.35 31.81 4.19
C GLU A 101 26.09 31.21 2.82
N PRO A 102 25.93 29.89 2.71
CA PRO A 102 25.69 29.29 1.39
C PRO A 102 24.28 29.59 0.90
N LYS A 103 24.16 29.79 -0.40
CA LYS A 103 22.90 30.16 -1.03
C LYS A 103 22.13 28.96 -1.58
N ILE A 104 22.80 28.11 -2.35
CA ILE A 104 22.13 26.96 -2.96
C ILE A 104 21.76 25.94 -1.90
N VAL A 105 22.70 25.60 -1.02
CA VAL A 105 22.49 24.66 0.05
C VAL A 105 22.73 25.37 1.38
N PRO A 106 21.66 25.85 2.03
CA PRO A 106 21.83 26.66 3.25
C PRO A 106 22.41 25.89 4.42
N ARG A 107 22.57 26.58 5.54
CA ARG A 107 23.21 25.99 6.71
C ARG A 107 22.36 24.86 7.28
N TYR A 108 23.04 23.74 7.61
CA TYR A 108 22.43 22.60 8.28
C TYR A 108 21.37 21.91 7.44
N LYS A 109 21.21 22.31 6.19
CA LYS A 109 20.20 21.73 5.31
C LYS A 109 20.85 20.64 4.47
N ARG A 110 20.45 19.39 4.68
CA ARG A 110 20.98 18.26 3.93
C ARG A 110 19.98 17.64 2.97
N ASP A 111 18.69 17.82 3.20
CA ASP A 111 17.66 17.30 2.30
C ASP A 111 17.35 18.34 1.22
N ILE A 112 18.29 18.47 0.29
CA ILE A 112 18.19 19.47 -0.76
C ILE A 112 17.14 19.11 -1.80
N SER A 113 16.72 17.85 -1.85
CA SER A 113 15.71 17.44 -2.82
C SER A 113 14.34 18.00 -2.44
N GLU A 114 13.44 17.99 -3.41
CA GLU A 114 12.07 18.48 -3.24
C GLU A 114 11.10 17.34 -2.96
N ILE A 115 11.56 16.33 -2.21
CA ILE A 115 10.73 15.16 -1.92
C ILE A 115 9.68 15.43 -0.85
N GLU A 116 9.67 16.62 -0.25
CA GLU A 116 8.70 16.92 0.80
C GLU A 116 7.27 16.77 0.31
N ASN A 117 6.93 17.45 -0.79
CA ASN A 117 5.58 17.37 -1.33
C ASN A 117 5.23 15.93 -1.73
N LYS A 118 6.21 15.18 -2.21
CA LYS A 118 5.96 13.79 -2.59
C LYS A 118 5.67 12.92 -1.37
N ILE A 119 6.38 13.17 -0.27
CA ILE A 119 6.10 12.44 0.98
C ILE A 119 4.71 12.80 1.49
N ILE A 120 4.34 14.08 1.40
CA ILE A 120 3.01 14.49 1.85
C ILE A 120 1.93 13.83 0.99
N ALA A 121 2.16 13.76 -0.32
CA ALA A 121 1.19 13.13 -1.21
C ALA A 121 1.09 11.63 -0.97
N MET A 122 2.21 10.98 -0.62
CA MET A 122 2.17 9.56 -0.29
C MET A 122 1.43 9.33 1.02
N TYR A 123 1.61 10.22 1.99
CA TYR A 123 0.88 10.09 3.26
C TYR A 123 -0.61 10.35 3.07
N ALA A 124 -0.96 11.27 2.17
CA ALA A 124 -2.37 11.52 1.88
C ALA A 124 -3.01 10.33 1.16
N ARG A 125 -2.21 9.57 0.41
CA ARG A 125 -2.72 8.39 -0.27
C ARG A 125 -3.14 7.29 0.70
N GLY A 126 -2.69 7.36 1.94
CA GLY A 126 -2.98 6.36 2.94
C GLY A 126 -1.80 5.48 3.35
N MET A 127 -0.58 5.85 3.01
CA MET A 127 0.60 5.07 3.36
C MET A 127 1.08 5.42 4.75
N SER A 128 1.46 4.41 5.52
CA SER A 128 1.98 4.62 6.85
C SER A 128 3.35 5.29 6.81
N THR A 129 3.76 5.84 7.95
CA THR A 129 5.04 6.50 8.03
C THR A 129 6.19 5.52 7.82
N ARG A 130 6.08 4.31 8.36
CA ARG A 130 7.13 3.31 8.16
C ARG A 130 7.10 2.73 6.75
N GLU A 131 5.90 2.58 6.18
CA GLU A 131 5.80 2.19 4.77
C GLU A 131 6.47 3.23 3.88
N ILE A 132 6.23 4.51 4.14
CA ILE A 132 6.87 5.58 3.36
C ILE A 132 8.38 5.54 3.58
N ASN A 133 8.82 5.28 4.82
CA ASN A 133 10.24 5.15 5.10
C ASN A 133 10.88 4.07 4.24
N GLU A 134 10.27 2.87 4.23
CA GLU A 134 10.82 1.77 3.45
C GLU A 134 10.81 2.10 1.95
N GLN A 135 9.71 2.69 1.46
CA GLN A 135 9.62 3.02 0.05
C GLN A 135 10.69 4.02 -0.37
N ILE A 136 10.88 5.07 0.44
CA ILE A 136 11.85 6.11 0.12
C ILE A 136 13.27 5.54 0.19
N GLN A 137 13.56 4.73 1.21
CA GLN A 137 14.88 4.11 1.28
C GLN A 137 15.15 3.22 0.07
N GLU A 138 14.12 2.52 -0.41
CA GLU A 138 14.34 1.61 -1.53
C GLU A 138 14.49 2.34 -2.86
N ILE A 139 13.66 3.36 -3.11
CA ILE A 139 13.63 4.00 -4.43
C ILE A 139 14.34 5.34 -4.45
N TYR A 140 15.08 5.69 -3.40
CA TYR A 140 15.85 6.93 -3.39
C TYR A 140 17.27 6.79 -2.87
N GLY A 141 17.58 5.79 -2.05
CA GLY A 141 18.93 5.60 -1.57
C GLY A 141 19.17 6.10 -0.16
N PHE A 142 18.58 7.24 0.20
CA PHE A 142 18.77 7.83 1.52
C PHE A 142 17.62 7.46 2.45
N GLU A 143 17.86 7.63 3.74
CA GLU A 143 16.93 7.22 4.78
C GLU A 143 16.12 8.41 5.28
N VAL A 144 14.83 8.16 5.57
CA VAL A 144 13.93 9.13 6.17
C VAL A 144 13.07 8.35 7.17
N SER A 145 13.29 8.59 8.46
CA SER A 145 12.59 7.82 9.48
C SER A 145 11.12 8.23 9.55
N ALA A 146 10.35 7.45 10.33
CA ALA A 146 8.92 7.68 10.44
C ALA A 146 8.62 9.00 11.12
N GLU A 147 9.35 9.31 12.20
CA GLU A 147 9.16 10.59 12.86
C GLU A 147 9.52 11.75 11.95
N MET A 148 10.49 11.56 11.06
CA MET A 148 10.79 12.59 10.07
C MET A 148 9.61 12.79 9.13
N VAL A 149 8.95 11.69 8.74
CA VAL A 149 7.76 11.80 7.90
C VAL A 149 6.65 12.55 8.63
N SER A 150 6.50 12.27 9.93
CA SER A 150 5.51 12.98 10.73
C SER A 150 5.81 14.47 10.80
N LYS A 151 7.07 14.82 11.05
CA LYS A 151 7.44 16.23 11.13
C LYS A 151 7.31 16.92 9.77
N ILE A 152 7.48 16.16 8.68
CA ILE A 152 7.32 16.75 7.35
C ILE A 152 5.84 17.01 7.07
N THR A 153 4.97 16.05 7.38
CA THR A 153 3.54 16.26 7.17
C THR A 153 2.94 17.23 8.17
N ASP A 154 3.65 17.55 9.24
CA ASP A 154 3.19 18.60 10.16
C ASP A 154 3.28 19.99 9.55
N LYS A 155 3.91 20.14 8.38
CA LYS A 155 4.12 21.46 7.81
C LYS A 155 2.85 22.08 7.23
N ILE A 156 1.78 21.31 7.07
CA ILE A 156 0.54 21.82 6.49
C ILE A 156 -0.47 22.18 7.58
N LEU A 157 -0.02 22.33 8.82
CA LEU A 157 -0.92 22.68 9.93
C LEU A 157 -1.44 24.11 9.81
N PRO A 158 -0.60 25.10 9.47
CA PRO A 158 -1.17 26.42 9.14
C PRO A 158 -2.14 26.37 7.97
N GLU A 159 -1.86 25.51 6.99
CA GLU A 159 -2.79 25.32 5.89
C GLU A 159 -4.10 24.73 6.38
N ILE A 160 -4.04 23.80 7.34
CA ILE A 160 -5.25 23.22 7.91
C ILE A 160 -6.05 24.28 8.65
N GLU A 161 -5.37 25.13 9.42
CA GLU A 161 -6.07 26.18 10.16
C GLU A 161 -6.68 27.21 9.22
N GLU A 162 -6.00 27.52 8.11
CA GLU A 162 -6.57 28.44 7.13
C GLU A 162 -7.73 27.80 6.37
N TRP A 163 -7.71 26.48 6.21
CA TRP A 163 -8.84 25.81 5.59
C TRP A 163 -10.04 25.74 6.52
N GLN A 164 -9.80 25.64 7.83
CA GLN A 164 -10.89 25.66 8.79
C GLN A 164 -11.55 27.03 8.86
N LYS A 165 -10.77 28.10 8.65
CA LYS A 165 -11.29 29.45 8.58
C LYS A 165 -11.47 29.92 7.14
N ARG A 166 -11.54 28.98 6.20
CA ARG A 166 -11.66 29.32 4.79
C ARG A 166 -12.98 30.04 4.54
N PRO A 167 -12.98 31.12 3.77
CA PRO A 167 -14.24 31.83 3.47
C PRO A 167 -15.09 31.04 2.49
N LEU A 168 -16.32 30.75 2.89
CA LEU A 168 -17.25 29.97 2.08
C LEU A 168 -18.12 30.90 1.24
N GLY A 169 -18.80 30.30 0.25
CA GLY A 169 -19.76 31.04 -0.53
C GLY A 169 -20.96 31.47 0.29
N GLU A 170 -21.77 32.36 -0.30
CA GLU A 170 -22.92 32.87 0.43
C GLU A 170 -24.02 31.82 0.53
N VAL A 171 -24.56 31.40 -0.61
CA VAL A 171 -25.69 30.47 -0.66
C VAL A 171 -25.16 29.08 -1.04
N TYR A 172 -25.69 28.06 -0.38
CA TYR A 172 -25.40 26.67 -0.74
C TYR A 172 -26.72 25.94 -0.90
N PRO A 173 -27.12 25.59 -2.14
CA PRO A 173 -28.42 24.93 -2.34
C PRO A 173 -28.56 23.61 -1.59
N ILE A 174 -27.64 22.67 -1.81
CA ILE A 174 -27.71 21.35 -1.20
C ILE A 174 -26.50 21.15 -0.29
N VAL A 175 -26.76 20.63 0.91
CA VAL A 175 -25.72 20.30 1.86
C VAL A 175 -25.92 18.86 2.32
N PHE A 176 -24.81 18.15 2.56
CA PHE A 176 -24.82 16.81 3.13
C PHE A 176 -23.89 16.78 4.34
N ILE A 177 -24.28 16.02 5.36
CA ILE A 177 -23.48 15.85 6.56
C ILE A 177 -23.26 14.36 6.79
N ASP A 178 -21.99 13.95 6.86
CA ASP A 178 -21.65 12.56 7.07
C ASP A 178 -20.79 12.40 8.32
N ALA A 179 -20.80 11.20 8.88
CA ALA A 179 -20.07 10.89 10.10
C ALA A 179 -19.17 9.68 9.88
N ILE A 180 -17.94 9.76 10.39
CA ILE A 180 -16.98 8.65 10.31
C ILE A 180 -16.33 8.50 11.68
N HIS A 181 -16.41 7.32 12.26
CA HIS A 181 -15.92 7.08 13.61
C HIS A 181 -14.49 6.55 13.60
N PHE A 182 -13.67 7.02 14.53
CA PHE A 182 -12.31 6.55 14.70
C PHE A 182 -11.98 6.52 16.18
N SER A 183 -10.82 5.94 16.51
CA SER A 183 -10.33 5.90 17.88
C SER A 183 -9.23 6.95 18.06
N VAL A 184 -9.21 7.59 19.22
CA VAL A 184 -8.33 8.71 19.49
C VAL A 184 -7.86 8.64 20.93
N LYS A 185 -6.56 8.88 21.14
CA LYS A 185 -5.98 8.95 22.47
C LYS A 185 -6.16 10.36 23.02
N ASN A 186 -7.09 10.52 23.97
CA ASN A 186 -7.34 11.78 24.63
C ASN A 186 -7.02 11.63 26.12
N ASP A 187 -6.25 12.57 26.67
CA ASP A 187 -5.96 12.63 28.10
C ASP A 187 -5.35 11.32 28.61
N GLY A 188 -4.55 10.68 27.76
CA GLY A 188 -3.88 9.45 28.13
C GLY A 188 -4.69 8.18 27.95
N ILE A 189 -5.97 8.26 27.62
CA ILE A 189 -6.81 7.10 27.41
C ILE A 189 -7.36 7.14 26.00
N VAL A 190 -7.38 5.99 25.34
CA VAL A 190 -7.89 5.91 23.97
C VAL A 190 -9.39 5.65 24.04
N GLY A 191 -10.17 6.61 23.53
CA GLY A 191 -11.61 6.47 23.52
C GLY A 191 -12.16 6.32 22.11
N LYS A 192 -12.92 7.30 21.67
CA LYS A 192 -13.56 7.24 20.36
C LYS A 192 -14.08 8.62 19.99
N LYS A 193 -13.83 9.05 18.76
CA LYS A 193 -14.29 10.34 18.27
C LYS A 193 -14.87 10.16 16.87
N ALA A 194 -15.99 10.84 16.62
CA ALA A 194 -16.65 10.82 15.32
C ALA A 194 -16.39 12.13 14.61
N VAL A 195 -15.85 12.06 13.40
CA VAL A 195 -15.56 13.23 12.60
C VAL A 195 -16.70 13.45 11.61
N TYR A 196 -17.20 14.68 11.56
CA TYR A 196 -18.34 15.04 10.73
C TYR A 196 -17.86 15.88 9.56
N ILE A 197 -18.16 15.41 8.36
CA ILE A 197 -17.79 16.09 7.12
C ILE A 197 -19.02 16.76 6.56
N VAL A 198 -18.93 18.06 6.31
CA VAL A 198 -20.01 18.85 5.73
C VAL A 198 -19.61 19.14 4.30
N LEU A 199 -20.30 18.50 3.37
CA LEU A 199 -20.13 18.67 1.93
C LEU A 199 -21.27 19.53 1.40
N ALA A 200 -20.99 20.30 0.35
CA ALA A 200 -22.02 21.19 -0.17
C ALA A 200 -21.87 21.34 -1.67
N ILE A 201 -23.00 21.51 -2.34
CA ILE A 201 -23.05 21.84 -3.76
C ILE A 201 -23.31 23.34 -3.88
N ASP A 202 -22.57 24.01 -4.74
CA ASP A 202 -22.64 25.46 -4.83
C ASP A 202 -23.71 25.87 -5.84
N ILE A 203 -23.78 27.16 -6.16
CA ILE A 203 -24.78 27.66 -7.08
C ILE A 203 -24.54 27.15 -8.49
N GLU A 204 -23.29 26.88 -8.85
CA GLU A 204 -22.94 26.44 -10.20
C GLU A 204 -23.05 24.93 -10.37
N GLY A 205 -23.39 24.19 -9.32
CA GLY A 205 -23.50 22.75 -9.41
C GLY A 205 -22.22 21.99 -9.14
N GLN A 206 -21.28 22.59 -8.41
CA GLN A 206 -20.02 21.96 -8.05
C GLN A 206 -20.04 21.59 -6.58
N LYS A 207 -19.76 20.32 -6.28
CA LYS A 207 -19.73 19.84 -4.91
C LYS A 207 -18.30 19.87 -4.39
N ASP A 208 -18.15 20.39 -3.18
CA ASP A 208 -16.83 20.54 -2.56
C ASP A 208 -17.00 20.51 -1.05
N VAL A 209 -16.17 19.73 -0.37
CA VAL A 209 -16.26 19.61 1.08
C VAL A 209 -15.98 20.97 1.71
N ILE A 210 -16.97 21.51 2.42
CA ILE A 210 -16.80 22.83 3.01
C ILE A 210 -16.32 22.76 4.46
N GLY A 211 -16.59 21.68 5.17
CA GLY A 211 -16.24 21.62 6.58
C GLY A 211 -15.82 20.24 7.03
N ILE A 212 -14.92 20.21 8.00
CA ILE A 212 -14.51 18.98 8.69
C ILE A 212 -14.39 19.30 10.17
N TYR A 213 -15.14 18.59 11.01
CA TYR A 213 -15.20 18.92 12.42
C TYR A 213 -15.03 17.67 13.28
N VAL A 214 -14.23 17.79 14.33
CA VAL A 214 -14.11 16.73 15.32
C VAL A 214 -15.35 16.74 16.20
N GLY A 215 -15.91 15.55 16.44
CA GLY A 215 -17.24 15.45 17.02
C GLY A 215 -17.40 15.91 18.46
N GLU A 216 -16.83 15.16 19.40
CA GLU A 216 -17.05 15.40 20.82
C GLU A 216 -18.56 15.49 21.11
N ASN A 217 -19.25 14.39 20.84
CA ASN A 217 -20.71 14.36 20.81
C ASN A 217 -21.33 14.27 22.20
N GLU A 218 -20.61 14.67 23.25
CA GLU A 218 -21.19 14.62 24.58
C GLU A 218 -22.32 15.64 24.74
N SER A 219 -22.16 16.81 24.14
CA SER A 219 -23.16 17.87 24.20
C SER A 219 -23.80 18.07 22.84
N SER A 220 -25.01 18.63 22.85
CA SER A 220 -25.73 18.87 21.60
C SER A 220 -25.34 20.21 20.98
N LYS A 221 -25.09 21.23 21.82
CA LYS A 221 -24.74 22.55 21.30
C LYS A 221 -23.44 22.54 20.51
N PHE A 222 -22.54 21.59 20.79
CA PHE A 222 -21.36 21.43 19.95
C PHE A 222 -21.76 21.21 18.50
N TRP A 223 -22.75 20.34 18.27
CA TRP A 223 -23.39 20.24 16.97
C TRP A 223 -23.79 21.63 16.47
N LEU A 224 -24.57 22.34 17.28
CA LEU A 224 -24.97 23.71 16.95
C LEU A 224 -23.74 24.57 16.70
N SER A 225 -22.66 24.36 17.46
CA SER A 225 -21.43 25.11 17.25
C SER A 225 -20.98 25.04 15.79
N VAL A 226 -21.04 23.85 15.20
CA VAL A 226 -20.69 23.70 13.79
C VAL A 226 -21.52 24.67 12.95
N LEU A 227 -22.84 24.63 13.13
CA LEU A 227 -23.71 25.56 12.42
C LEU A 227 -23.29 27.01 12.69
N ASN A 228 -22.93 27.31 13.94
CA ASN A 228 -22.47 28.67 14.26
C ASN A 228 -21.24 29.03 13.44
N ASP A 229 -20.31 28.08 13.28
CA ASP A 229 -19.17 28.31 12.40
C ASP A 229 -19.64 28.66 11.00
N LEU A 230 -20.63 27.91 10.49
CA LEU A 230 -21.23 28.27 9.21
C LEU A 230 -21.92 29.63 9.31
N LYS A 231 -22.61 29.90 10.43
CA LYS A 231 -23.18 31.22 10.65
C LYS A 231 -22.11 32.30 10.65
N ASN A 232 -20.84 31.93 10.87
CA ASN A 232 -19.77 32.91 10.80
C ASN A 232 -19.47 33.29 9.34
N ARG A 233 -19.61 32.36 8.40
CA ARG A 233 -19.29 32.67 7.01
C ARG A 233 -20.36 32.25 6.00
N GLY A 234 -21.17 31.22 6.27
CA GLY A 234 -22.23 30.83 5.35
C GLY A 234 -23.55 31.46 5.72
N VAL A 235 -23.63 32.79 5.57
CA VAL A 235 -24.68 33.58 6.19
C VAL A 235 -26.02 33.46 5.47
N LYS A 236 -26.05 32.77 4.34
CA LYS A 236 -27.28 32.63 3.59
C LYS A 236 -27.95 31.29 3.86
N ASP A 237 -29.25 31.24 3.55
CA ASP A 237 -30.06 30.07 3.87
C ASP A 237 -29.73 28.91 2.95
N ILE A 238 -29.79 27.70 3.50
CA ILE A 238 -29.56 26.47 2.75
C ILE A 238 -30.91 25.95 2.27
N LEU A 239 -31.02 25.73 0.96
CA LEU A 239 -32.30 25.32 0.39
C LEU A 239 -32.67 23.90 0.80
N ILE A 240 -31.67 23.02 0.97
CA ILE A 240 -31.92 21.67 1.47
C ILE A 240 -30.66 21.11 2.10
N LEU A 241 -30.80 20.57 3.32
CA LEU A 241 -29.71 19.89 4.00
C LEU A 241 -30.11 18.45 4.28
N CYS A 242 -29.13 17.55 4.18
CA CYS A 242 -29.34 16.11 4.27
C CYS A 242 -28.35 15.59 5.31
N ALA A 243 -28.83 15.32 6.51
CA ALA A 243 -28.00 14.83 7.58
C ALA A 243 -28.65 13.61 8.22
N ASP A 244 -27.82 12.70 8.71
CA ASP A 244 -28.31 11.56 9.46
C ASP A 244 -28.93 12.07 10.76
N ALA A 245 -30.24 11.90 10.91
CA ALA A 245 -30.96 12.49 12.05
C ALA A 245 -30.49 11.83 13.33
N LEU A 246 -29.66 12.54 14.08
CA LEU A 246 -29.10 12.02 15.33
C LEU A 246 -28.71 13.20 16.22
N SER A 247 -28.71 12.94 17.53
CA SER A 247 -28.11 13.84 18.52
C SER A 247 -28.73 15.23 18.49
N GLY A 248 -30.04 15.30 18.33
CA GLY A 248 -30.77 16.56 18.46
C GLY A 248 -30.33 17.65 17.51
N ILE A 249 -30.16 17.31 16.23
CA ILE A 249 -29.78 18.31 15.24
C ILE A 249 -30.96 19.21 14.89
N LYS A 250 -32.19 18.71 15.01
CA LYS A 250 -33.37 19.48 14.64
C LYS A 250 -33.40 20.83 15.33
N ASP A 251 -33.25 20.84 16.66
CA ASP A 251 -33.29 22.10 17.40
C ASP A 251 -32.13 23.00 16.99
N ALA A 252 -30.95 22.41 16.73
CA ALA A 252 -29.79 23.21 16.34
C ALA A 252 -30.07 24.01 15.07
N ILE A 253 -30.54 23.34 14.02
CA ILE A 253 -30.78 24.04 12.76
C ILE A 253 -32.01 24.93 12.87
N ASN A 254 -33.04 24.49 13.59
CA ASN A 254 -34.26 25.28 13.71
C ASN A 254 -34.04 26.56 14.50
N ALA A 255 -33.04 26.60 15.38
CA ALA A 255 -32.67 27.83 16.05
C ALA A 255 -31.57 28.60 15.33
N ALA A 256 -30.78 27.94 14.50
CA ALA A 256 -29.72 28.60 13.75
C ALA A 256 -30.17 28.98 12.36
N PHE A 257 -30.64 28.00 11.58
CA PHE A 257 -31.09 28.20 10.20
C PHE A 257 -32.55 27.79 10.10
N PRO A 258 -33.47 28.62 10.59
CA PRO A 258 -34.90 28.23 10.55
C PRO A 258 -35.49 28.23 9.15
N ASN A 259 -34.98 29.08 8.26
CA ASN A 259 -35.50 29.12 6.89
C ASN A 259 -35.23 27.82 6.15
N THR A 260 -34.20 27.07 6.55
CA THR A 260 -33.82 25.86 5.86
C THR A 260 -34.90 24.79 5.98
N GLU A 261 -35.19 24.13 4.86
CA GLU A 261 -36.11 23.00 4.85
C GLU A 261 -35.33 21.75 5.22
N TYR A 262 -35.60 21.19 6.40
CA TYR A 262 -34.86 20.06 6.94
C TYR A 262 -35.62 18.78 6.65
N GLN A 263 -35.03 17.90 5.84
CA GLN A 263 -35.60 16.61 5.52
C GLN A 263 -34.67 15.50 6.00
N ARG A 264 -35.25 14.32 6.20
CA ARG A 264 -34.45 13.15 6.56
C ARG A 264 -33.63 12.71 5.35
N CYS A 265 -32.38 12.35 5.60
CA CYS A 265 -31.49 11.96 4.52
C CYS A 265 -31.84 10.55 4.03
N ILE A 266 -32.25 10.45 2.77
CA ILE A 266 -32.76 9.18 2.24
C ILE A 266 -31.65 8.13 2.21
N VAL A 267 -30.48 8.49 1.68
CA VAL A 267 -29.41 7.52 1.54
C VAL A 267 -28.87 7.11 2.91
N HIS A 268 -28.80 8.06 3.84
CA HIS A 268 -28.38 7.72 5.21
C HIS A 268 -29.40 6.80 5.87
N GLN A 269 -30.69 7.02 5.60
CA GLN A 269 -31.71 6.12 6.11
C GLN A 269 -31.52 4.71 5.56
N ILE A 270 -31.30 4.60 4.25
CA ILE A 270 -31.09 3.31 3.62
C ILE A 270 -29.89 2.60 4.23
N ARG A 271 -28.80 3.35 4.47
CA ARG A 271 -27.60 2.74 5.03
C ARG A 271 -27.81 2.32 6.48
N ASN A 272 -28.50 3.14 7.27
CA ASN A 272 -28.54 2.93 8.71
C ASN A 272 -29.60 1.94 9.15
N THR A 273 -30.73 1.85 8.44
CA THR A 273 -31.84 1.07 8.95
C THR A 273 -32.12 -0.21 8.17
N LEU A 274 -32.07 -0.18 6.84
CA LEU A 274 -32.39 -1.36 6.06
C LEU A 274 -31.18 -2.23 5.75
N LYS A 275 -29.97 -1.76 6.06
CA LYS A 275 -28.76 -2.49 5.72
C LYS A 275 -27.78 -2.65 6.87
N TYR A 276 -28.02 -2.02 8.03
CA TYR A 276 -27.12 -2.18 9.16
C TYR A 276 -27.03 -3.64 9.59
N VAL A 277 -28.18 -4.30 9.75
CA VAL A 277 -28.26 -5.74 9.95
C VAL A 277 -29.16 -6.27 8.84
N SER A 278 -28.55 -6.64 7.72
CA SER A 278 -29.29 -7.05 6.53
C SER A 278 -28.87 -8.45 6.10
N ASP A 279 -29.84 -9.20 5.58
CA ASP A 279 -29.55 -10.49 4.98
C ASP A 279 -28.61 -10.28 3.80
N LYS A 280 -27.39 -10.82 3.91
CA LYS A 280 -26.32 -10.46 2.98
C LYS A 280 -26.58 -11.00 1.58
N ASP A 281 -27.12 -12.22 1.48
CA ASP A 281 -27.24 -12.87 0.18
C ASP A 281 -28.32 -12.23 -0.70
N ARG A 282 -29.36 -11.65 -0.09
CA ARG A 282 -30.43 -11.05 -0.87
C ARG A 282 -30.61 -9.58 -0.51
N LYS A 283 -29.50 -8.83 -0.42
CA LYS A 283 -29.56 -7.38 -0.21
C LYS A 283 -30.30 -6.66 -1.32
N GLU A 284 -30.58 -7.33 -2.43
CA GLU A 284 -31.08 -6.67 -3.63
C GLU A 284 -32.58 -6.40 -3.58
N PHE A 285 -33.06 -5.83 -2.49
CA PHE A 285 -34.41 -5.29 -2.47
C PHE A 285 -34.43 -3.78 -2.68
N ALA A 286 -33.26 -3.16 -2.81
CA ALA A 286 -33.20 -1.76 -3.19
C ALA A 286 -33.86 -1.52 -4.54
N ARG A 287 -33.81 -2.51 -5.43
CA ARG A 287 -34.55 -2.43 -6.69
C ARG A 287 -36.02 -2.17 -6.43
N ASP A 288 -36.57 -2.78 -5.38
CA ASP A 288 -37.93 -2.47 -4.94
C ASP A 288 -37.97 -1.23 -4.07
N LEU A 289 -36.90 -0.96 -3.32
CA LEU A 289 -36.83 0.28 -2.54
C LEU A 289 -36.79 1.48 -3.46
N LYS A 290 -36.25 1.33 -4.68
CA LYS A 290 -36.37 2.37 -5.69
C LYS A 290 -37.84 2.72 -5.93
N ARG A 291 -38.71 1.70 -5.93
CA ARG A 291 -40.15 1.92 -6.07
C ARG A 291 -40.68 2.93 -5.07
N ILE A 292 -39.99 3.11 -3.94
CA ILE A 292 -40.45 4.08 -2.95
C ILE A 292 -40.15 5.50 -3.42
N TYR A 293 -38.95 5.74 -3.95
CA TYR A 293 -38.54 7.10 -4.31
C TYR A 293 -38.64 7.37 -5.81
N THR A 294 -39.20 6.46 -6.58
CA THR A 294 -39.56 6.73 -7.97
C THR A 294 -41.03 7.05 -8.13
N ALA A 295 -41.76 7.22 -7.02
CA ALA A 295 -43.19 7.53 -7.06
C ALA A 295 -43.41 9.01 -7.38
N PRO A 296 -44.44 9.34 -8.13
CA PRO A 296 -44.68 10.75 -8.52
C PRO A 296 -45.02 11.65 -7.34
N ASN A 297 -45.95 11.22 -6.50
CA ASN A 297 -46.39 12.00 -5.35
C ASN A 297 -46.15 11.23 -4.06
N GLU A 298 -46.25 11.96 -2.94
CA GLU A 298 -45.92 11.38 -1.65
C GLU A 298 -46.89 10.29 -1.23
N LYS A 299 -48.15 10.39 -1.65
CA LYS A 299 -49.13 9.36 -1.29
C LYS A 299 -48.80 8.03 -1.96
N ALA A 300 -48.43 8.06 -3.24
CA ALA A 300 -47.98 6.84 -3.90
C ALA A 300 -46.71 6.31 -3.27
N GLY A 301 -45.83 7.19 -2.80
CA GLY A 301 -44.64 6.73 -2.10
C GLY A 301 -44.99 6.01 -0.81
N TYR A 302 -45.94 6.56 -0.05
CA TYR A 302 -46.40 5.88 1.17
C TYR A 302 -47.03 4.53 0.84
N ASP A 303 -47.80 4.46 -0.24
CA ASP A 303 -48.43 3.20 -0.63
C ASP A 303 -47.38 2.15 -1.02
N GLN A 304 -46.37 2.55 -1.80
CA GLN A 304 -45.32 1.62 -2.17
C GLN A 304 -44.48 1.22 -0.97
N MET A 305 -44.30 2.12 0.00
CA MET A 305 -43.62 1.76 1.24
C MET A 305 -44.40 0.71 2.00
N LEU A 306 -45.72 0.87 2.06
CA LEU A 306 -46.56 -0.14 2.70
C LEU A 306 -46.46 -1.48 1.96
N GLU A 307 -46.41 -1.44 0.63
CA GLU A 307 -46.30 -2.67 -0.15
C GLU A 307 -44.97 -3.38 0.14
N VAL A 308 -43.87 -2.66 0.11
CA VAL A 308 -42.58 -3.29 0.36
C VAL A 308 -42.47 -3.74 1.82
N SER A 309 -43.15 -3.04 2.73
CA SER A 309 -43.19 -3.50 4.13
C SER A 309 -43.93 -4.82 4.25
N GLU A 310 -45.07 -4.95 3.58
CA GLU A 310 -45.76 -6.24 3.49
C GLU A 310 -44.83 -7.30 2.89
N LYS A 311 -44.00 -6.90 1.92
CA LYS A 311 -43.08 -7.85 1.29
C LYS A 311 -41.98 -8.29 2.25
N TRP A 312 -41.58 -7.42 3.20
CA TRP A 312 -40.41 -7.68 4.03
C TRP A 312 -40.74 -7.87 5.51
N GLU A 313 -41.99 -8.14 5.86
CA GLU A 313 -42.31 -8.46 7.25
C GLU A 313 -42.01 -9.91 7.59
N LYS A 314 -41.58 -10.72 6.62
CA LYS A 314 -41.15 -12.09 6.90
C LYS A 314 -39.77 -12.13 7.54
N LYS A 315 -38.88 -11.24 7.12
CA LYS A 315 -37.55 -11.14 7.71
C LYS A 315 -37.61 -10.29 8.96
N TYR A 316 -36.46 -9.83 9.45
CA TYR A 316 -36.42 -9.06 10.69
C TYR A 316 -37.30 -7.83 10.55
N PRO A 317 -38.29 -7.64 11.44
CA PRO A 317 -39.33 -6.63 11.18
C PRO A 317 -38.89 -5.20 11.41
N ALA A 318 -37.81 -4.97 12.16
CA ALA A 318 -37.44 -3.61 12.55
C ALA A 318 -36.93 -2.76 11.39
N ALA A 319 -36.86 -3.29 10.18
CA ALA A 319 -36.34 -2.52 9.05
C ALA A 319 -37.31 -1.43 8.63
N MET A 320 -38.51 -1.82 8.18
CA MET A 320 -39.49 -0.86 7.69
C MET A 320 -40.12 -0.04 8.81
N LYS A 321 -39.90 -0.41 10.07
CA LYS A 321 -40.43 0.36 11.19
C LYS A 321 -39.89 1.78 11.20
N SER A 322 -38.60 1.94 10.87
CA SER A 322 -38.00 3.27 10.85
C SER A 322 -38.61 4.15 9.77
N TRP A 323 -38.99 3.56 8.64
CA TRP A 323 -39.66 4.33 7.59
C TRP A 323 -40.99 4.88 8.10
N LYS A 324 -41.79 4.05 8.76
CA LYS A 324 -43.05 4.52 9.32
C LYS A 324 -42.81 5.59 10.38
N SER A 325 -41.75 5.44 11.18
CA SER A 325 -41.49 6.40 12.24
C SER A 325 -41.04 7.76 11.68
N ASN A 326 -40.24 7.75 10.61
CA ASN A 326 -39.60 8.96 10.11
C ASN A 326 -40.22 9.48 8.82
N TRP A 327 -41.35 8.92 8.38
CA TRP A 327 -41.98 9.41 7.16
C TRP A 327 -42.36 10.89 7.26
N ASP A 328 -42.65 11.37 8.48
CA ASP A 328 -42.94 12.79 8.66
C ASP A 328 -41.77 13.66 8.25
N VAL A 329 -40.54 13.17 8.41
CA VAL A 329 -39.36 13.92 8.01
C VAL A 329 -38.94 13.58 6.58
N ILE A 330 -39.30 12.40 6.09
CA ILE A 330 -38.94 12.00 4.72
C ILE A 330 -39.91 12.54 3.67
N CYS A 331 -41.08 13.02 4.08
CA CYS A 331 -42.08 13.43 3.10
C CYS A 331 -41.68 14.60 2.19
N PRO A 332 -40.93 15.61 2.62
CA PRO A 332 -40.65 16.74 1.70
C PRO A 332 -39.78 16.37 0.50
N PHE A 333 -39.31 15.12 0.40
CA PHE A 333 -38.48 14.72 -0.73
C PHE A 333 -39.28 14.66 -2.03
N PHE A 334 -40.58 14.39 -1.95
CA PHE A 334 -41.39 14.21 -3.14
C PHE A 334 -41.79 15.53 -3.80
N LYS A 335 -41.75 16.64 -3.07
CA LYS A 335 -42.08 17.93 -3.65
C LYS A 335 -41.09 18.35 -4.74
N TYR A 336 -39.89 17.78 -4.73
CA TYR A 336 -38.85 18.14 -5.68
C TYR A 336 -39.04 17.41 -7.00
N SER A 337 -38.37 17.94 -8.03
CA SER A 337 -38.45 17.37 -9.37
C SER A 337 -37.72 16.04 -9.44
N GLU A 338 -37.95 15.31 -10.53
CA GLU A 338 -37.25 14.04 -10.74
C GLU A 338 -35.75 14.25 -10.81
N GLU A 339 -35.30 15.28 -11.53
CA GLU A 339 -33.88 15.60 -11.55
C GLU A 339 -33.40 16.05 -10.17
N LEU A 340 -34.28 16.67 -9.39
CA LEU A 340 -33.93 17.01 -8.02
C LEU A 340 -33.95 15.78 -7.12
N ARG A 341 -34.93 14.90 -7.32
CA ARG A 341 -34.98 13.66 -6.55
C ARG A 341 -33.72 12.82 -6.77
N LYS A 342 -33.20 12.82 -8.00
CA LYS A 342 -31.99 12.06 -8.29
C LYS A 342 -30.84 12.43 -7.36
N ILE A 343 -30.68 13.73 -7.09
CA ILE A 343 -29.61 14.18 -6.21
C ILE A 343 -29.80 13.67 -4.78
N MET A 344 -31.04 13.35 -4.40
CA MET A 344 -31.30 12.89 -3.04
C MET A 344 -30.94 11.42 -2.85
N TYR A 345 -31.56 10.54 -3.63
CA TYR A 345 -31.41 9.11 -3.40
C TYR A 345 -30.16 8.51 -4.03
N THR A 346 -29.25 9.33 -4.56
CA THR A 346 -27.99 8.80 -5.08
C THR A 346 -27.06 8.56 -3.90
N THR A 347 -26.86 7.29 -3.55
CA THR A 347 -25.93 6.97 -2.47
C THR A 347 -24.48 7.08 -2.92
N ASN A 348 -24.24 7.05 -4.23
CA ASN A 348 -22.86 7.09 -4.74
C ASN A 348 -22.18 8.41 -4.42
N THR A 349 -22.94 9.50 -4.30
CA THR A 349 -22.32 10.76 -3.92
C THR A 349 -21.93 10.79 -2.45
N ILE A 350 -22.49 9.90 -1.63
CA ILE A 350 -22.15 9.82 -0.21
C ILE A 350 -21.26 8.63 0.08
N GLU A 351 -21.68 7.43 -0.34
CA GLU A 351 -20.90 6.22 -0.08
C GLU A 351 -19.48 6.36 -0.59
N SER A 352 -19.33 6.79 -1.85
CA SER A 352 -18.00 6.97 -2.44
C SER A 352 -17.13 7.86 -1.56
N LEU A 353 -17.73 8.84 -0.90
CA LEU A 353 -16.99 9.61 0.09
C LEU A 353 -16.55 8.72 1.25
N ASN A 354 -17.53 8.15 1.97
CA ASN A 354 -17.23 7.37 3.16
C ASN A 354 -16.24 6.25 2.85
N SER A 355 -16.58 5.40 1.87
CA SER A 355 -15.69 4.32 1.45
C SER A 355 -14.29 4.86 1.14
N SER A 356 -14.20 6.01 0.48
CA SER A 356 -12.89 6.60 0.21
C SER A 356 -12.10 6.78 1.50
N TYR A 357 -12.70 7.44 2.48
CA TYR A 357 -12.03 7.54 3.78
C TYR A 357 -11.71 6.16 4.32
N ARG A 358 -12.66 5.23 4.19
CA ARG A 358 -12.41 3.85 4.64
C ARG A 358 -11.23 3.24 3.92
N ARG A 359 -11.06 3.53 2.62
CA ARG A 359 -9.93 2.99 1.89
C ARG A 359 -8.66 3.80 2.12
N ILE A 360 -8.77 5.00 2.69
CA ILE A 360 -7.58 5.79 3.02
C ILE A 360 -7.11 5.50 4.43
N ASN A 361 -8.04 5.42 5.39
CA ASN A 361 -7.71 5.12 6.78
C ASN A 361 -7.81 3.63 7.10
N LYS A 362 -7.60 2.77 6.09
CA LYS A 362 -7.68 1.33 6.34
C LYS A 362 -6.54 0.85 7.25
N SER A 363 -5.37 1.48 7.15
CA SER A 363 -4.22 1.06 7.94
C SER A 363 -4.08 1.83 9.25
N ARG A 364 -4.70 3.00 9.36
CA ARG A 364 -4.60 3.83 10.56
C ARG A 364 -5.72 3.42 11.51
N THR A 365 -5.38 2.59 12.51
CA THR A 365 -6.38 2.08 13.43
C THR A 365 -6.71 3.10 14.52
N VAL A 366 -5.69 3.58 15.23
CA VAL A 366 -5.87 4.51 16.34
C VAL A 366 -5.02 5.75 16.08
N PHE A 367 -5.66 6.92 16.19
CA PHE A 367 -4.98 8.19 15.96
C PHE A 367 -4.57 8.80 17.29
N PRO A 368 -3.28 8.97 17.57
CA PRO A 368 -2.87 9.67 18.80
C PRO A 368 -3.16 11.16 18.73
N GLY A 369 -4.08 11.63 19.57
CA GLY A 369 -4.44 13.03 19.61
C GLY A 369 -5.43 13.42 18.51
N ASP A 370 -6.09 14.55 18.73
CA ASP A 370 -7.08 15.03 17.76
C ASP A 370 -6.42 15.59 16.52
N GLN A 371 -5.27 16.24 16.67
CA GLN A 371 -4.67 16.93 15.54
C GLN A 371 -4.14 15.96 14.49
N SER A 372 -3.67 14.78 14.91
CA SER A 372 -3.22 13.80 13.93
C SER A 372 -4.36 13.31 13.07
N LEU A 373 -5.49 13.00 13.70
CA LEU A 373 -6.70 12.64 12.97
C LEU A 373 -7.11 13.76 12.02
N LEU A 374 -7.05 15.01 12.49
CA LEU A 374 -7.42 16.13 11.63
C LEU A 374 -6.49 16.25 10.43
N LYS A 375 -5.19 16.08 10.65
CA LYS A 375 -4.23 16.10 9.55
C LYS A 375 -4.56 15.04 8.51
N SER A 376 -4.73 13.80 8.96
CA SER A 376 -4.97 12.71 8.02
C SER A 376 -6.28 12.93 7.25
N ILE A 377 -7.31 13.43 7.93
CA ILE A 377 -8.60 13.61 7.27
C ILE A 377 -8.54 14.77 6.28
N TYR A 378 -7.83 15.84 6.64
CA TYR A 378 -7.67 16.94 5.69
C TYR A 378 -6.90 16.50 4.46
N LEU A 379 -5.85 15.69 4.65
CA LEU A 379 -5.07 15.21 3.51
C LEU A 379 -5.91 14.32 2.61
N ALA A 380 -6.69 13.40 3.21
CA ALA A 380 -7.57 12.55 2.41
C ALA A 380 -8.62 13.38 1.67
N THR A 381 -9.17 14.39 2.34
CA THR A 381 -10.19 15.22 1.71
C THR A 381 -9.62 16.00 0.54
N VAL A 382 -8.39 16.51 0.67
CA VAL A 382 -7.76 17.21 -0.44
C VAL A 382 -7.49 16.24 -1.59
N LYS A 383 -6.98 15.04 -1.26
CA LYS A 383 -6.71 14.05 -2.31
C LYS A 383 -7.97 13.66 -3.06
N ILE A 384 -9.12 13.65 -2.38
CA ILE A 384 -10.37 13.31 -3.04
C ILE A 384 -10.89 14.49 -3.86
N THR A 385 -10.93 15.68 -3.26
CA THR A 385 -11.50 16.84 -3.93
C THR A 385 -10.63 17.40 -5.04
N SER A 386 -9.38 16.94 -5.17
CA SER A 386 -8.52 17.42 -6.24
C SER A 386 -9.14 17.14 -7.61
N LYS A 387 -9.82 16.01 -7.76
CA LYS A 387 -10.39 15.60 -9.04
C LYS A 387 -11.84 16.04 -9.20
N TRP A 388 -12.34 16.92 -8.33
CA TRP A 388 -13.76 17.30 -8.34
C TRP A 388 -13.98 18.60 -9.12
N THR A 389 -13.60 18.57 -10.39
CA THR A 389 -13.87 19.69 -11.30
C THR A 389 -15.13 19.48 -12.14
N MET A 390 -15.73 18.30 -12.10
CA MET A 390 -16.92 18.03 -12.88
C MET A 390 -18.13 18.70 -12.24
N ARG A 391 -18.92 19.39 -13.05
CA ARG A 391 -20.15 19.99 -12.56
C ARG A 391 -21.28 18.96 -12.55
N TYR A 392 -22.40 19.35 -11.96
CA TYR A 392 -23.55 18.47 -11.90
C TYR A 392 -24.27 18.43 -13.25
N LYS A 393 -24.82 17.27 -13.57
CA LYS A 393 -25.52 17.10 -14.83
C LYS A 393 -26.91 17.72 -14.75
N ASN A 394 -27.36 18.28 -15.87
CA ASN A 394 -28.65 18.96 -15.99
C ASN A 394 -28.78 20.11 -15.00
N TRP A 395 -27.66 20.71 -14.58
CA TRP A 395 -27.69 21.85 -13.68
C TRP A 395 -28.15 23.09 -14.45
N GLY A 396 -28.47 24.13 -13.71
CA GLY A 396 -29.13 25.30 -14.28
C GLY A 396 -30.62 25.07 -14.38
N LEU A 397 -31.02 23.93 -14.94
CA LEU A 397 -32.39 23.47 -14.78
C LEU A 397 -32.71 23.27 -13.30
N ILE A 398 -31.79 22.64 -12.57
CA ILE A 398 -31.95 22.50 -11.13
C ILE A 398 -31.96 23.86 -10.46
N LEU A 399 -31.17 24.80 -10.98
CA LEU A 399 -31.17 26.15 -10.43
C LEU A 399 -32.51 26.84 -10.64
N GLY A 400 -33.10 26.67 -11.83
CA GLY A 400 -34.41 27.23 -12.08
C GLY A 400 -35.49 26.63 -11.20
N GLN A 401 -35.45 25.31 -11.03
CA GLN A 401 -36.40 24.65 -10.13
C GLN A 401 -36.22 25.10 -8.69
N LEU A 402 -34.97 25.36 -8.29
CA LEU A 402 -34.71 25.85 -6.94
C LEU A 402 -35.26 27.26 -6.75
N GLN A 403 -35.06 28.14 -7.74
CA GLN A 403 -35.54 29.51 -7.62
C GLN A 403 -37.06 29.59 -7.75
N ILE A 404 -37.69 28.63 -8.43
CA ILE A 404 -39.15 28.60 -8.47
C ILE A 404 -39.70 28.06 -7.16
N MET A 405 -39.12 26.96 -6.66
CA MET A 405 -39.57 26.39 -5.39
C MET A 405 -39.26 27.31 -4.22
N PHE A 406 -38.19 28.10 -4.33
CA PHE A 406 -37.76 29.04 -3.30
C PHE A 406 -37.63 30.40 -3.97
N GLU A 407 -38.69 31.21 -3.92
CA GLU A 407 -38.73 32.44 -4.71
C GLU A 407 -37.73 33.47 -4.20
N GLY A 408 -37.50 33.50 -2.89
CA GLY A 408 -36.54 34.42 -2.31
C GLY A 408 -35.15 33.86 -2.14
N ARG A 409 -34.98 32.57 -2.38
CA ARG A 409 -33.69 31.88 -2.23
C ARG A 409 -33.13 32.06 -0.83
N LYS B 7 39.92 13.36 -1.58
CA LYS B 7 39.43 14.71 -1.86
C LYS B 7 39.39 14.97 -3.36
N ARG B 8 38.35 15.67 -3.81
CA ARG B 8 38.11 15.90 -5.24
C ARG B 8 38.83 17.16 -5.67
N ILE B 9 39.94 17.00 -6.37
CA ILE B 9 40.67 18.12 -6.97
C ILE B 9 40.15 18.28 -8.40
N ILE B 10 39.44 19.36 -8.64
CA ILE B 10 38.76 19.58 -9.92
C ILE B 10 39.75 20.21 -10.90
N THR B 11 39.58 19.86 -12.21
CA THR B 11 40.43 20.36 -13.28
C THR B 11 39.79 21.60 -13.92
N PRO B 12 40.61 22.49 -14.50
CA PRO B 12 40.04 23.69 -15.13
C PRO B 12 39.10 23.40 -16.28
N GLU B 13 39.32 22.31 -17.02
CA GLU B 13 38.38 21.95 -18.08
C GLU B 13 37.03 21.56 -17.50
N LYS B 14 37.03 20.83 -16.38
CA LYS B 14 35.76 20.55 -15.70
C LYS B 14 35.15 21.81 -15.12
N LYS B 15 35.98 22.78 -14.70
CA LYS B 15 35.45 24.07 -14.27
C LYS B 15 34.71 24.76 -15.41
N GLU B 16 35.30 24.75 -16.60
CA GLU B 16 34.62 25.34 -17.76
C GLU B 16 33.36 24.56 -18.11
N LEU B 17 33.39 23.24 -17.93
CA LEU B 17 32.19 22.43 -18.16
C LEU B 17 31.05 22.86 -17.23
N ILE B 18 31.34 22.96 -15.94
CA ILE B 18 30.34 23.39 -14.96
C ILE B 18 29.84 24.79 -15.28
N ARG B 19 30.75 25.68 -15.67
CA ARG B 19 30.37 27.05 -16.01
C ARG B 19 29.43 27.09 -17.20
N ASN B 20 29.75 26.31 -18.24
CA ASN B 20 28.88 26.26 -19.42
C ASN B 20 27.52 25.67 -19.06
N LEU B 21 27.48 24.68 -18.19
CA LEU B 21 26.21 24.12 -17.75
C LEU B 21 25.36 25.17 -17.04
N ILE B 22 25.97 25.88 -16.08
CA ILE B 22 25.25 26.91 -15.34
C ILE B 22 24.76 28.01 -16.27
N SER B 23 25.58 28.39 -17.25
CA SER B 23 25.17 29.42 -18.19
C SER B 23 24.04 28.96 -19.09
N GLU B 24 24.06 27.68 -19.48
CA GLU B 24 23.03 27.17 -20.38
C GLU B 24 21.68 27.05 -19.67
N TYR B 25 21.67 26.55 -18.44
CA TYR B 25 20.42 26.30 -17.75
C TYR B 25 20.03 27.38 -16.75
N ASN B 26 20.84 28.43 -16.61
CA ASN B 26 20.54 29.55 -15.72
C ASN B 26 20.28 29.05 -14.29
N ILE B 27 21.26 28.34 -13.76
CA ILE B 27 21.12 27.66 -12.48
C ILE B 27 21.34 28.67 -11.35
N THR B 28 20.34 28.80 -10.48
CA THR B 28 20.46 29.63 -9.28
C THR B 28 20.15 28.90 -8.00
N SER B 29 19.43 27.77 -8.04
CA SER B 29 19.12 26.98 -6.86
C SER B 29 19.47 25.52 -7.14
N ALA B 30 19.34 24.70 -6.10
CA ALA B 30 19.68 23.28 -6.23
C ALA B 30 18.65 22.55 -7.10
N LYS B 31 17.37 22.89 -6.96
CA LYS B 31 16.36 22.27 -7.80
C LYS B 31 16.56 22.62 -9.26
N ASP B 32 17.02 23.83 -9.55
CA ASP B 32 17.35 24.20 -10.92
C ASP B 32 18.44 23.28 -11.47
N LEU B 33 19.47 23.01 -10.67
CA LEU B 33 20.56 22.14 -11.11
C LEU B 33 20.08 20.72 -11.33
N GLN B 34 19.23 20.21 -10.43
CA GLN B 34 18.74 18.84 -10.57
C GLN B 34 17.86 18.70 -11.82
N GLU B 35 16.91 19.63 -12.01
CA GLU B 35 16.08 19.57 -13.21
C GLU B 35 16.88 19.79 -14.47
N ALA B 36 17.96 20.59 -14.40
CA ALA B 36 18.84 20.76 -15.54
C ALA B 36 19.51 19.45 -15.92
N LEU B 37 20.07 18.76 -14.92
CA LEU B 37 20.70 17.47 -15.18
C LEU B 37 19.69 16.48 -15.75
N LYS B 38 18.47 16.48 -15.22
CA LYS B 38 17.42 15.60 -15.74
C LYS B 38 17.15 15.90 -17.22
N ASP B 39 16.79 17.15 -17.52
CA ASP B 39 16.47 17.53 -18.89
C ASP B 39 17.65 17.36 -19.83
N LEU B 40 18.88 17.33 -19.31
CA LEU B 40 20.04 17.18 -20.17
C LEU B 40 20.38 15.73 -20.45
N LEU B 41 20.21 14.84 -19.48
CA LEU B 41 20.69 13.48 -19.61
C LEU B 41 19.59 12.42 -19.66
N GLY B 42 18.32 12.80 -19.66
CA GLY B 42 17.26 11.80 -19.73
C GLY B 42 17.31 10.88 -20.92
N ASP B 43 17.22 11.44 -22.13
CA ASP B 43 17.26 10.62 -23.33
C ASP B 43 18.60 9.93 -23.50
N THR B 44 19.68 10.55 -23.01
CA THR B 44 20.99 9.91 -23.06
C THR B 44 21.00 8.62 -22.25
N ILE B 45 20.51 8.69 -21.01
CA ILE B 45 20.44 7.49 -20.17
C ILE B 45 19.51 6.47 -20.80
N GLN B 46 18.38 6.92 -21.36
CA GLN B 46 17.43 6.00 -21.98
C GLN B 46 18.09 5.23 -23.12
N ASN B 47 18.79 5.94 -24.02
CA ASN B 47 19.41 5.28 -25.16
C ASN B 47 20.56 4.38 -24.72
N MET B 48 21.35 4.81 -23.73
CA MET B 48 22.43 3.96 -23.23
C MET B 48 21.87 2.67 -22.64
N LEU B 49 20.79 2.77 -21.86
CA LEU B 49 20.21 1.58 -21.26
C LEU B 49 19.64 0.65 -22.32
N GLU B 50 18.93 1.19 -23.32
CA GLU B 50 18.36 0.32 -24.35
C GLU B 50 19.46 -0.35 -25.17
N ALA B 51 20.56 0.37 -25.44
CA ALA B 51 21.65 -0.22 -26.22
C ALA B 51 22.41 -1.26 -25.40
N GLU B 52 22.53 -1.06 -24.09
CA GLU B 52 23.25 -2.02 -23.26
C GLU B 52 22.41 -3.25 -22.95
N LEU B 53 21.08 -3.12 -22.96
CA LEU B 53 20.24 -4.30 -22.77
C LEU B 53 20.04 -5.06 -24.07
N ASP B 54 20.01 -4.36 -25.21
CA ASP B 54 19.96 -5.00 -26.52
C ASP B 54 21.34 -5.33 -27.07
N GLU B 55 22.36 -5.35 -26.21
CA GLU B 55 23.74 -5.56 -26.66
C GLU B 55 23.98 -7.00 -27.11
N HIS B 56 23.20 -7.96 -26.62
CA HIS B 56 23.37 -9.35 -27.04
C HIS B 56 22.78 -9.58 -28.43
N LEU B 57 21.48 -9.32 -28.59
CA LEU B 57 20.79 -9.48 -29.86
C LEU B 57 20.19 -8.13 -30.22
N GLY B 58 20.92 -7.36 -31.03
CA GLY B 58 20.48 -6.04 -31.43
C GLY B 58 20.41 -5.87 -32.94
N PRO B 106 26.08 -17.25 -13.87
CA PRO B 106 26.15 -17.77 -15.24
C PRO B 106 27.55 -17.57 -15.81
N ARG B 107 27.76 -18.02 -17.05
CA ARG B 107 29.05 -17.86 -17.70
C ARG B 107 29.31 -16.40 -18.05
N TYR B 108 28.27 -15.68 -18.49
CA TYR B 108 28.35 -14.25 -18.79
C TYR B 108 27.15 -13.58 -18.13
N LYS B 109 27.34 -13.13 -16.89
CA LYS B 109 26.29 -12.43 -16.14
C LYS B 109 26.55 -10.93 -16.22
N ARG B 110 25.62 -10.21 -16.84
CA ARG B 110 25.78 -8.77 -17.02
C ARG B 110 25.63 -8.04 -15.69
N ASP B 111 26.43 -7.01 -15.50
CA ASP B 111 26.38 -6.22 -14.28
C ASP B 111 25.10 -5.39 -14.25
N ILE B 112 24.71 -4.98 -13.04
CA ILE B 112 23.47 -4.24 -12.81
C ILE B 112 23.82 -2.81 -12.41
N SER B 113 23.00 -1.87 -12.86
CA SER B 113 23.18 -0.46 -12.55
C SER B 113 22.35 -0.05 -11.34
N GLU B 114 22.62 1.15 -10.84
CA GLU B 114 21.89 1.67 -9.69
C GLU B 114 20.42 1.88 -10.03
N ILE B 115 20.15 2.51 -11.17
CA ILE B 115 18.77 2.72 -11.60
C ILE B 115 18.10 1.38 -11.88
N GLU B 116 18.85 0.42 -12.42
CA GLU B 116 18.30 -0.91 -12.64
C GLU B 116 18.00 -1.61 -11.32
N ASN B 117 18.84 -1.39 -10.30
CA ASN B 117 18.55 -1.94 -8.97
C ASN B 117 17.29 -1.32 -8.38
N LYS B 118 17.11 0.00 -8.58
CA LYS B 118 15.89 0.63 -8.10
C LYS B 118 14.66 0.10 -8.82
N ILE B 119 14.79 -0.15 -10.13
CA ILE B 119 13.68 -0.73 -10.88
C ILE B 119 13.37 -2.14 -10.40
N ILE B 120 14.42 -2.90 -10.07
CA ILE B 120 14.22 -4.23 -9.49
C ILE B 120 13.47 -4.13 -8.17
N ALA B 121 13.86 -3.17 -7.33
CA ALA B 121 13.19 -3.00 -6.04
C ALA B 121 11.73 -2.64 -6.23
N MET B 122 11.42 -1.74 -7.18
CA MET B 122 10.03 -1.40 -7.45
C MET B 122 9.26 -2.59 -8.03
N TYR B 123 9.95 -3.44 -8.81
CA TYR B 123 9.33 -4.66 -9.31
C TYR B 123 8.98 -5.60 -8.18
N ALA B 124 9.82 -5.65 -7.14
CA ALA B 124 9.54 -6.52 -6.00
C ALA B 124 8.42 -5.96 -5.13
N ARG B 125 8.25 -4.64 -5.12
CA ARG B 125 7.22 -4.00 -4.30
C ARG B 125 5.84 -4.05 -4.94
N GLY B 126 5.70 -4.62 -6.13
CA GLY B 126 4.41 -4.70 -6.77
C GLY B 126 3.86 -3.36 -7.21
N MET B 127 4.70 -2.56 -7.86
CA MET B 127 4.29 -1.25 -8.37
C MET B 127 3.77 -1.38 -9.79
N SER B 128 2.79 -0.55 -10.12
CA SER B 128 2.26 -0.51 -11.48
C SER B 128 3.31 0.03 -12.44
N THR B 129 3.18 -0.35 -13.71
CA THR B 129 4.11 0.13 -14.73
C THR B 129 4.03 1.64 -14.89
N ARG B 130 2.82 2.19 -14.84
CA ARG B 130 2.67 3.65 -14.91
C ARG B 130 3.31 4.33 -13.71
N GLU B 131 3.22 3.71 -12.53
CA GLU B 131 3.77 4.31 -11.33
C GLU B 131 5.29 4.30 -11.33
N ILE B 132 5.90 3.19 -11.73
CA ILE B 132 7.36 3.15 -11.82
C ILE B 132 7.84 4.06 -12.95
N ASN B 133 7.07 4.17 -14.03
CA ASN B 133 7.42 5.11 -15.09
C ASN B 133 7.40 6.54 -14.57
N GLU B 134 6.37 6.89 -13.80
CA GLU B 134 6.31 8.22 -13.18
C GLU B 134 7.49 8.46 -12.27
N GLN B 135 7.85 7.46 -11.45
CA GLN B 135 8.98 7.62 -10.53
C GLN B 135 10.28 7.84 -11.28
N ILE B 136 10.52 7.05 -12.33
CA ILE B 136 11.75 7.19 -13.10
C ILE B 136 11.79 8.52 -13.83
N GLN B 137 10.65 8.96 -14.37
CA GLN B 137 10.58 10.26 -15.02
C GLN B 137 10.85 11.39 -14.03
N GLU B 138 10.39 11.23 -12.79
CA GLU B 138 10.62 12.26 -11.78
C GLU B 138 12.07 12.29 -11.33
N ILE B 139 12.73 11.13 -11.27
CA ILE B 139 14.10 11.06 -10.77
C ILE B 139 15.10 11.33 -11.88
N TYR B 140 15.10 10.48 -12.90
CA TYR B 140 16.10 10.56 -13.97
C TYR B 140 15.63 11.35 -15.18
N GLY B 141 14.36 11.27 -15.53
CA GLY B 141 13.83 12.09 -16.61
C GLY B 141 13.72 11.39 -17.95
N PHE B 142 13.20 10.16 -17.95
CA PHE B 142 12.92 9.44 -19.20
C PHE B 142 11.88 8.38 -18.92
N GLU B 143 11.22 7.95 -19.98
CA GLU B 143 10.13 6.98 -19.88
C GLU B 143 10.67 5.56 -19.98
N VAL B 144 10.03 4.65 -19.26
CA VAL B 144 10.36 3.22 -19.29
C VAL B 144 9.10 2.46 -19.64
N SER B 145 9.12 1.76 -20.77
CA SER B 145 7.98 0.97 -21.19
C SER B 145 7.96 -0.36 -20.44
N ALA B 146 6.81 -1.05 -20.53
CA ALA B 146 6.66 -2.33 -19.86
C ALA B 146 7.65 -3.36 -20.42
N GLU B 147 7.87 -3.33 -21.74
CA GLU B 147 8.86 -4.23 -22.34
C GLU B 147 10.25 -3.94 -21.81
N MET B 148 10.58 -2.66 -21.62
CA MET B 148 11.86 -2.30 -21.01
C MET B 148 11.94 -2.83 -19.58
N VAL B 149 10.84 -2.76 -18.83
CA VAL B 149 10.82 -3.29 -17.47
C VAL B 149 11.09 -4.79 -17.48
N SER B 150 10.47 -5.51 -18.42
CA SER B 150 10.70 -6.96 -18.50
C SER B 150 12.15 -7.26 -18.88
N LYS B 151 12.70 -6.53 -19.85
CA LYS B 151 14.08 -6.77 -20.25
C LYS B 151 15.05 -6.43 -19.13
N ILE B 152 14.73 -5.45 -18.29
CA ILE B 152 15.58 -5.14 -17.15
C ILE B 152 15.48 -6.21 -16.08
N THR B 153 14.26 -6.69 -15.80
CA THR B 153 14.07 -7.73 -14.79
C THR B 153 14.65 -9.06 -15.21
N ASP B 154 14.80 -9.30 -16.52
CA ASP B 154 15.38 -10.55 -16.99
C ASP B 154 16.82 -10.77 -16.54
N LYS B 155 17.45 -9.77 -15.92
CA LYS B 155 18.86 -9.84 -15.58
C LYS B 155 19.13 -10.58 -14.28
N ILE B 156 18.10 -10.89 -13.50
CA ILE B 156 18.29 -11.53 -12.19
C ILE B 156 18.11 -13.03 -12.31
N LEU B 157 18.04 -13.53 -13.54
CA LEU B 157 17.81 -14.95 -13.77
C LEU B 157 19.02 -15.81 -13.36
N PRO B 158 20.26 -15.40 -13.63
CA PRO B 158 21.40 -16.16 -13.08
C PRO B 158 21.39 -16.21 -11.56
N GLU B 159 20.92 -15.14 -10.90
CA GLU B 159 20.78 -15.17 -9.45
C GLU B 159 19.78 -16.23 -9.02
N ILE B 160 18.68 -16.35 -9.76
CA ILE B 160 17.68 -17.38 -9.46
C ILE B 160 18.27 -18.77 -9.69
N GLU B 161 19.10 -18.90 -10.73
CA GLU B 161 19.78 -20.19 -10.96
C GLU B 161 20.68 -20.55 -9.78
N GLU B 162 21.51 -19.60 -9.34
CA GLU B 162 22.39 -19.86 -8.20
C GLU B 162 21.59 -20.17 -6.94
N TRP B 163 20.43 -19.53 -6.77
CA TRP B 163 19.61 -19.79 -5.60
C TRP B 163 18.95 -21.16 -5.66
N GLN B 164 18.57 -21.62 -6.86
CA GLN B 164 17.99 -22.94 -7.01
C GLN B 164 19.03 -24.05 -7.04
N LYS B 165 20.31 -23.71 -7.20
CA LYS B 165 21.37 -24.71 -7.24
C LYS B 165 22.32 -24.60 -6.05
N ARG B 166 21.88 -23.96 -4.96
CA ARG B 166 22.80 -23.76 -3.84
C ARG B 166 22.95 -25.06 -3.04
N PRO B 167 24.16 -25.37 -2.57
CA PRO B 167 24.38 -26.64 -1.86
C PRO B 167 23.66 -26.64 -0.51
N LEU B 168 22.98 -27.74 -0.22
CA LEU B 168 22.21 -27.89 1.00
C LEU B 168 22.88 -28.87 1.94
N GLY B 169 22.44 -28.84 3.20
CA GLY B 169 22.94 -29.77 4.19
C GLY B 169 22.48 -31.19 3.91
N GLU B 170 23.14 -32.14 4.58
CA GLU B 170 22.84 -33.54 4.35
C GLU B 170 21.50 -33.93 4.98
N VAL B 171 21.26 -33.52 6.21
CA VAL B 171 20.05 -33.89 6.96
C VAL B 171 19.30 -32.62 7.32
N TYR B 172 18.00 -32.60 7.02
CA TYR B 172 17.13 -31.49 7.39
C TYR B 172 16.01 -32.02 8.28
N PRO B 173 15.96 -31.58 9.55
CA PRO B 173 14.91 -32.07 10.46
C PRO B 173 13.49 -31.93 9.93
N ILE B 174 13.03 -30.72 9.59
CA ILE B 174 11.64 -30.58 9.17
C ILE B 174 11.58 -29.90 7.81
N VAL B 175 10.70 -30.39 6.94
CA VAL B 175 10.50 -29.85 5.60
C VAL B 175 9.01 -29.77 5.31
N PHE B 176 8.56 -28.63 4.81
CA PHE B 176 7.19 -28.44 4.35
C PHE B 176 7.20 -28.09 2.87
N ILE B 177 6.17 -28.55 2.16
CA ILE B 177 5.96 -28.19 0.76
C ILE B 177 4.53 -27.66 0.62
N ASP B 178 4.39 -26.41 0.21
CA ASP B 178 3.10 -25.75 0.13
C ASP B 178 2.79 -25.36 -1.31
N ALA B 179 1.50 -25.30 -1.64
CA ALA B 179 1.03 -24.94 -2.97
C ALA B 179 0.24 -23.65 -2.93
N ILE B 180 0.36 -22.85 -3.98
CA ILE B 180 -0.40 -21.61 -4.10
C ILE B 180 -1.02 -21.54 -5.50
N HIS B 181 -1.77 -20.47 -5.76
CA HIS B 181 -2.50 -20.33 -7.02
C HIS B 181 -1.53 -20.07 -8.17
N PHE B 182 -2.00 -20.40 -9.38
CA PHE B 182 -1.17 -20.43 -10.58
C PHE B 182 -1.64 -19.36 -11.56
N SER B 183 -0.83 -18.32 -11.72
CA SER B 183 -1.02 -17.33 -12.79
C SER B 183 -0.25 -17.86 -14.00
N VAL B 184 -0.97 -18.52 -14.91
CA VAL B 184 -0.35 -19.38 -15.90
C VAL B 184 0.54 -18.60 -16.87
N LYS B 185 1.74 -19.12 -17.09
CA LYS B 185 2.69 -18.62 -18.08
C LYS B 185 2.28 -19.07 -19.49
N ASN B 186 2.72 -18.29 -20.48
CA ASN B 186 2.27 -18.48 -21.86
C ASN B 186 3.45 -18.69 -22.78
N ASP B 187 3.55 -19.89 -23.35
CA ASP B 187 4.35 -20.17 -24.54
C ASP B 187 3.50 -20.91 -25.56
N GLY B 188 2.23 -20.54 -25.64
CA GLY B 188 1.27 -21.19 -26.51
C GLY B 188 0.31 -22.14 -25.82
N ILE B 189 0.33 -22.22 -24.50
CA ILE B 189 -0.49 -23.18 -23.75
C ILE B 189 -0.96 -22.57 -22.45
N VAL B 190 -1.93 -23.25 -21.83
CA VAL B 190 -2.39 -22.94 -20.48
C VAL B 190 -2.30 -24.24 -19.68
N GLY B 191 -2.22 -24.08 -18.36
CA GLY B 191 -1.85 -25.20 -17.51
C GLY B 191 -2.80 -25.43 -16.35
N LYS B 192 -2.86 -26.68 -15.92
CA LYS B 192 -3.49 -27.10 -14.69
C LYS B 192 -2.46 -27.32 -13.58
N LYS B 193 -1.24 -26.83 -13.77
CA LYS B 193 -0.15 -27.05 -12.86
C LYS B 193 -0.21 -26.07 -11.69
N ALA B 194 0.62 -26.32 -10.67
CA ALA B 194 0.56 -25.54 -9.44
C ALA B 194 1.96 -25.16 -8.97
N VAL B 195 2.05 -24.00 -8.34
CA VAL B 195 3.32 -23.51 -7.78
C VAL B 195 3.51 -24.09 -6.39
N TYR B 196 4.68 -24.69 -6.15
CA TYR B 196 5.04 -25.25 -4.86
C TYR B 196 6.29 -24.57 -4.34
N ILE B 197 6.28 -24.21 -3.06
CA ILE B 197 7.45 -23.71 -2.34
C ILE B 197 7.81 -24.74 -1.28
N VAL B 198 9.08 -25.14 -1.26
CA VAL B 198 9.60 -26.12 -0.32
C VAL B 198 10.49 -25.38 0.67
N LEU B 199 10.03 -25.24 1.91
CA LEU B 199 10.77 -24.55 2.96
C LEU B 199 11.11 -25.54 4.07
N ALA B 200 12.34 -25.49 4.55
CA ALA B 200 12.82 -26.46 5.52
C ALA B 200 13.55 -25.78 6.66
N ILE B 201 13.38 -26.32 7.86
CA ILE B 201 14.15 -25.92 9.04
C ILE B 201 15.14 -27.03 9.34
N ASP B 202 16.42 -26.64 9.46
CA ASP B 202 17.58 -27.51 9.53
C ASP B 202 17.93 -27.82 10.98
N ILE B 203 19.15 -28.36 11.18
CA ILE B 203 19.62 -28.73 12.53
C ILE B 203 19.65 -27.52 13.44
N GLU B 204 19.87 -26.32 12.90
CA GLU B 204 19.85 -25.10 13.69
C GLU B 204 18.44 -24.54 13.69
N GLY B 205 18.28 -23.30 14.15
CA GLY B 205 16.96 -22.72 14.28
C GLY B 205 16.62 -21.62 13.30
N GLN B 206 17.17 -21.67 12.10
CA GLN B 206 16.89 -20.67 11.07
C GLN B 206 15.96 -21.26 10.01
N LYS B 207 14.90 -20.53 9.68
CA LYS B 207 13.99 -20.91 8.61
C LYS B 207 14.44 -20.28 7.30
N ASP B 208 14.45 -21.07 6.24
CA ASP B 208 14.86 -20.58 4.93
C ASP B 208 14.17 -21.41 3.86
N VAL B 209 13.70 -20.73 2.81
CA VAL B 209 13.06 -21.41 1.69
C VAL B 209 14.13 -22.18 0.92
N ILE B 210 13.92 -23.49 0.78
CA ILE B 210 14.92 -24.35 0.16
C ILE B 210 14.76 -24.41 -1.36
N GLY B 211 13.53 -24.53 -1.84
CA GLY B 211 13.30 -24.67 -3.27
C GLY B 211 11.97 -24.09 -3.71
N ILE B 212 11.88 -23.86 -5.02
CA ILE B 212 10.67 -23.39 -5.68
C ILE B 212 10.47 -24.24 -6.93
N TYR B 213 9.36 -24.98 -7.00
CA TYR B 213 9.15 -25.92 -8.08
C TYR B 213 7.75 -25.77 -8.68
N VAL B 214 7.59 -26.33 -9.88
CA VAL B 214 6.36 -26.24 -10.64
C VAL B 214 6.25 -27.49 -11.50
N GLY B 215 5.06 -28.09 -11.53
CA GLY B 215 4.88 -29.29 -12.31
C GLY B 215 3.45 -29.78 -12.31
N GLU B 216 3.29 -31.01 -12.79
CA GLU B 216 2.00 -31.60 -13.10
C GLU B 216 1.11 -31.74 -11.86
N ASN B 217 1.68 -31.41 -10.69
CA ASN B 217 1.00 -31.14 -9.43
C ASN B 217 0.47 -32.38 -8.70
N GLU B 218 0.38 -33.53 -9.38
CA GLU B 218 0.00 -34.77 -8.70
C GLU B 218 0.60 -36.02 -9.31
N SER B 219 1.40 -35.90 -10.36
CA SER B 219 2.14 -37.04 -10.86
C SER B 219 3.20 -37.44 -9.83
N SER B 220 3.43 -38.74 -9.70
CA SER B 220 4.53 -39.19 -8.86
C SER B 220 5.86 -38.68 -9.42
N LYS B 221 5.94 -38.48 -10.73
CA LYS B 221 7.18 -38.06 -11.36
C LYS B 221 7.61 -36.67 -10.90
N PHE B 222 6.66 -35.74 -10.74
CA PHE B 222 7.01 -34.40 -10.31
C PHE B 222 7.61 -34.40 -8.91
N TRP B 223 6.95 -35.07 -7.96
CA TRP B 223 7.46 -35.15 -6.61
C TRP B 223 8.80 -35.88 -6.57
N LEU B 224 8.94 -36.94 -7.37
CA LEU B 224 10.20 -37.67 -7.43
C LEU B 224 11.33 -36.78 -7.95
N SER B 225 11.04 -35.97 -8.97
CA SER B 225 12.04 -35.05 -9.49
C SER B 225 12.40 -33.99 -8.47
N VAL B 226 11.42 -33.52 -7.70
CA VAL B 226 11.70 -32.53 -6.65
C VAL B 226 12.63 -33.14 -5.60
N LEU B 227 12.30 -34.33 -5.12
CA LEU B 227 13.15 -34.99 -4.12
C LEU B 227 14.53 -35.30 -4.67
N ASN B 228 14.62 -35.64 -5.96
CA ASN B 228 15.92 -35.95 -6.55
C ASN B 228 16.75 -34.69 -6.72
N ASP B 229 16.11 -33.56 -7.04
CA ASP B 229 16.84 -32.29 -7.06
C ASP B 229 17.35 -31.95 -5.68
N LEU B 230 16.52 -32.17 -4.64
CA LEU B 230 16.97 -31.93 -3.28
C LEU B 230 18.15 -32.81 -2.92
N LYS B 231 18.11 -34.09 -3.31
CA LYS B 231 19.22 -34.99 -3.01
C LYS B 231 20.47 -34.62 -3.80
N ASN B 232 20.31 -34.13 -5.03
CA ASN B 232 21.46 -33.67 -5.80
C ASN B 232 22.09 -32.43 -5.19
N ARG B 233 21.27 -31.56 -4.60
CA ARG B 233 21.83 -30.36 -3.98
C ARG B 233 22.60 -30.66 -2.71
N GLY B 234 22.45 -31.86 -2.15
CA GLY B 234 23.26 -32.25 -1.02
C GLY B 234 22.53 -32.92 0.13
N VAL B 235 21.21 -33.03 0.04
CA VAL B 235 20.43 -33.60 1.13
C VAL B 235 20.47 -35.12 1.03
N LYS B 236 20.59 -35.78 2.19
CA LYS B 236 20.67 -37.24 2.24
C LYS B 236 19.61 -37.88 3.14
N ASP B 237 19.05 -37.17 4.11
CA ASP B 237 17.99 -37.73 4.94
C ASP B 237 17.12 -36.61 5.48
N ILE B 238 15.81 -36.75 5.33
CA ILE B 238 14.84 -35.82 5.90
C ILE B 238 14.16 -36.52 7.08
N LEU B 239 14.06 -35.83 8.21
CA LEU B 239 13.41 -36.42 9.37
C LEU B 239 11.89 -36.32 9.30
N ILE B 240 11.37 -35.17 8.88
CA ILE B 240 9.93 -34.94 8.80
C ILE B 240 9.63 -34.23 7.49
N LEU B 241 8.64 -34.73 6.76
CA LEU B 241 8.19 -34.09 5.52
C LEU B 241 6.68 -33.93 5.55
N CYS B 242 6.21 -32.77 5.12
CA CYS B 242 4.78 -32.45 5.11
C CYS B 242 4.42 -31.92 3.73
N ALA B 243 3.62 -32.70 2.99
CA ALA B 243 3.19 -32.36 1.64
C ALA B 243 1.68 -32.47 1.53
N ASP B 244 1.15 -31.96 0.41
CA ASP B 244 -0.30 -31.98 0.17
C ASP B 244 -0.75 -33.40 -0.16
N ALA B 245 -1.66 -33.92 0.66
CA ALA B 245 -2.02 -35.34 0.61
C ALA B 245 -2.85 -35.65 -0.62
N LEU B 246 -2.26 -36.37 -1.56
CA LEU B 246 -2.94 -36.96 -2.72
C LEU B 246 -2.07 -38.11 -3.22
N SER B 247 -2.30 -38.56 -4.45
CA SER B 247 -1.48 -39.61 -5.04
C SER B 247 -0.05 -39.13 -5.25
N GLY B 248 0.83 -40.07 -5.57
CA GLY B 248 2.17 -39.73 -6.00
C GLY B 248 3.20 -39.48 -4.91
N ILE B 249 2.80 -38.84 -3.81
CA ILE B 249 3.78 -38.52 -2.78
C ILE B 249 4.16 -39.77 -2.00
N LYS B 250 3.22 -40.70 -1.81
CA LYS B 250 3.55 -41.98 -1.18
C LYS B 250 4.67 -42.68 -1.93
N ASP B 251 4.49 -42.86 -3.24
CA ASP B 251 5.50 -43.54 -4.05
C ASP B 251 6.77 -42.72 -4.16
N ALA B 252 6.64 -41.39 -4.27
CA ALA B 252 7.82 -40.55 -4.38
C ALA B 252 8.69 -40.64 -3.12
N ILE B 253 8.05 -40.67 -1.95
CA ILE B 253 8.81 -40.81 -0.71
C ILE B 253 9.40 -42.21 -0.61
N ASN B 254 8.59 -43.25 -0.88
CA ASN B 254 9.07 -44.61 -0.78
C ASN B 254 10.14 -44.95 -1.82
N ALA B 255 10.33 -44.10 -2.84
CA ALA B 255 11.36 -44.32 -3.83
C ALA B 255 12.47 -43.27 -3.81
N ALA B 256 12.35 -42.22 -3.01
CA ALA B 256 13.36 -41.17 -3.00
C ALA B 256 14.05 -41.01 -1.66
N PHE B 257 13.29 -40.84 -0.58
CA PHE B 257 13.86 -40.53 0.72
C PHE B 257 13.36 -41.47 1.82
N PRO B 258 13.31 -42.78 1.60
CA PRO B 258 12.60 -43.66 2.54
C PRO B 258 13.52 -44.34 3.56
N ASN B 259 14.19 -43.53 4.39
CA ASN B 259 14.80 -44.09 5.58
C ASN B 259 13.74 -44.65 6.51
N THR B 260 12.73 -43.85 6.80
CA THR B 260 11.50 -44.32 7.44
C THR B 260 10.32 -43.66 6.75
N GLU B 261 9.17 -44.29 6.82
CA GLU B 261 7.98 -43.69 6.28
C GLU B 261 7.66 -42.41 7.05
N TYR B 262 7.36 -41.34 6.31
CA TYR B 262 6.83 -40.12 6.91
C TYR B 262 5.75 -39.57 6.00
N GLN B 263 4.51 -39.58 6.50
CA GLN B 263 3.39 -38.97 5.81
C GLN B 263 2.69 -37.97 6.73
N ARG B 264 3.41 -37.44 7.73
CA ARG B 264 2.83 -36.57 8.72
C ARG B 264 2.38 -35.26 8.08
N CYS B 265 1.06 -35.09 7.94
CA CYS B 265 0.46 -33.94 7.29
C CYS B 265 -0.62 -33.39 8.22
N ILE B 266 -0.45 -32.15 8.67
CA ILE B 266 -1.38 -31.56 9.63
C ILE B 266 -1.91 -30.25 9.09
N VAL B 267 -1.01 -29.32 8.74
CA VAL B 267 -1.45 -28.04 8.20
C VAL B 267 -2.06 -28.22 6.82
N HIS B 268 -1.62 -29.24 6.08
CA HIS B 268 -2.20 -29.51 4.76
C HIS B 268 -3.62 -30.02 4.88
N GLN B 269 -3.90 -30.80 5.92
CA GLN B 269 -5.23 -31.42 6.03
C GLN B 269 -6.30 -30.40 6.42
N ILE B 270 -5.99 -29.54 7.41
CA ILE B 270 -6.98 -28.57 7.87
C ILE B 270 -7.37 -27.62 6.75
N ARG B 271 -6.39 -27.15 5.97
CA ARG B 271 -6.71 -26.25 4.87
C ARG B 271 -7.49 -26.97 3.77
N ASN B 272 -7.10 -28.21 3.46
CA ASN B 272 -7.79 -28.97 2.43
C ASN B 272 -9.24 -29.26 2.81
N THR B 273 -9.52 -29.40 4.11
CA THR B 273 -10.87 -29.69 4.55
C THR B 273 -11.72 -28.44 4.77
N LEU B 274 -11.10 -27.33 5.18
CA LEU B 274 -11.83 -26.10 5.41
C LEU B 274 -11.79 -25.15 4.21
N LYS B 275 -11.22 -25.59 3.08
CA LYS B 275 -11.32 -24.80 1.86
C LYS B 275 -12.74 -24.81 1.31
N TYR B 276 -13.44 -25.94 1.42
CA TYR B 276 -14.80 -26.08 0.91
C TYR B 276 -15.86 -25.71 1.95
N VAL B 277 -15.52 -24.84 2.89
CA VAL B 277 -16.44 -24.36 3.90
C VAL B 277 -16.43 -22.83 3.86
N SER B 278 -17.32 -22.22 4.64
CA SER B 278 -17.50 -20.77 4.65
C SER B 278 -16.72 -20.14 5.80
N ASP B 279 -16.14 -18.97 5.53
CA ASP B 279 -15.36 -18.26 6.53
C ASP B 279 -16.19 -17.88 7.75
N LYS B 280 -17.49 -17.61 7.54
CA LYS B 280 -18.36 -17.29 8.68
C LYS B 280 -18.43 -18.46 9.65
N ASP B 281 -18.45 -19.68 9.14
CA ASP B 281 -18.41 -20.88 9.96
C ASP B 281 -17.00 -21.34 10.29
N ARG B 282 -15.98 -20.81 9.60
CA ARG B 282 -14.60 -21.23 9.86
C ARG B 282 -14.18 -20.93 11.28
N LYS B 283 -14.72 -19.86 11.88
CA LYS B 283 -14.39 -19.56 13.27
C LYS B 283 -14.91 -20.66 14.20
N GLU B 284 -16.10 -21.19 13.93
CA GLU B 284 -16.60 -22.33 14.68
C GLU B 284 -15.81 -23.59 14.34
N PHE B 285 -15.50 -23.77 13.04
CA PHE B 285 -14.57 -24.83 12.65
C PHE B 285 -13.21 -24.63 13.30
N ALA B 286 -12.78 -23.37 13.44
CA ALA B 286 -11.51 -23.11 14.12
C ALA B 286 -11.57 -23.53 15.58
N ARG B 287 -12.68 -23.22 16.27
CA ARG B 287 -12.81 -23.65 17.66
C ARG B 287 -12.82 -25.17 17.78
N ASP B 288 -13.56 -25.84 16.89
CA ASP B 288 -13.66 -27.30 16.98
C ASP B 288 -12.31 -27.96 16.66
N LEU B 289 -11.59 -27.46 15.66
CA LEU B 289 -10.28 -28.01 15.38
C LEU B 289 -9.25 -27.63 16.44
N LYS B 290 -9.46 -26.50 17.12
CA LYS B 290 -8.65 -26.18 18.29
C LYS B 290 -8.86 -27.21 19.39
N ARG B 291 -10.11 -27.63 19.59
CA ARG B 291 -10.36 -28.76 20.48
C ARG B 291 -9.79 -30.06 19.94
N ILE B 292 -9.63 -30.16 18.62
CA ILE B 292 -9.14 -31.41 18.03
C ILE B 292 -7.62 -31.55 18.18
N TYR B 293 -6.87 -30.45 18.12
CA TYR B 293 -5.42 -30.56 18.15
C TYR B 293 -4.82 -30.41 19.55
N THR B 294 -5.63 -30.10 20.55
CA THR B 294 -5.16 -30.00 21.92
C THR B 294 -5.35 -31.30 22.70
N ALA B 295 -5.67 -32.39 22.01
CA ALA B 295 -5.89 -33.66 22.69
C ALA B 295 -4.54 -34.23 23.16
N PRO B 296 -4.44 -34.70 24.41
CA PRO B 296 -3.16 -35.26 24.86
C PRO B 296 -2.83 -36.59 24.21
N ASN B 297 -3.83 -37.43 23.96
CA ASN B 297 -3.63 -38.75 23.38
C ASN B 297 -4.29 -38.80 22.00
N GLU B 298 -3.80 -39.74 21.18
CA GLU B 298 -4.34 -39.92 19.83
C GLU B 298 -5.80 -40.35 19.86
N LYS B 299 -6.17 -41.18 20.85
CA LYS B 299 -7.56 -41.63 20.93
C LYS B 299 -8.49 -40.49 21.32
N ALA B 300 -8.02 -39.55 22.15
CA ALA B 300 -8.80 -38.35 22.43
C ALA B 300 -9.00 -37.53 21.16
N GLY B 301 -7.98 -37.46 20.31
CA GLY B 301 -8.14 -36.80 19.02
C GLY B 301 -9.14 -37.51 18.14
N TYR B 302 -9.15 -38.85 18.18
CA TYR B 302 -10.15 -39.61 17.41
C TYR B 302 -11.56 -39.31 17.91
N ASP B 303 -11.74 -39.25 19.24
CA ASP B 303 -13.05 -38.93 19.81
C ASP B 303 -13.50 -37.53 19.39
N GLN B 304 -12.58 -36.56 19.46
CA GLN B 304 -12.93 -35.20 19.06
C GLN B 304 -13.24 -35.12 17.57
N MET B 305 -12.52 -35.88 16.76
CA MET B 305 -12.79 -35.91 15.32
C MET B 305 -14.17 -36.49 15.03
N LEU B 306 -14.52 -37.59 15.69
CA LEU B 306 -15.84 -38.17 15.50
C LEU B 306 -16.93 -37.20 15.96
N GLU B 307 -16.68 -36.49 17.06
CA GLU B 307 -17.65 -35.52 17.56
C GLU B 307 -17.87 -34.39 16.55
N VAL B 308 -16.77 -33.81 16.06
CA VAL B 308 -16.92 -32.69 15.12
C VAL B 308 -17.51 -33.17 13.79
N SER B 309 -17.21 -34.41 13.39
CA SER B 309 -17.81 -34.95 12.17
C SER B 309 -19.31 -35.13 12.33
N GLU B 310 -19.74 -35.68 13.46
CA GLU B 310 -21.17 -35.79 13.73
C GLU B 310 -21.83 -34.42 13.81
N LYS B 311 -21.09 -33.41 14.29
CA LYS B 311 -21.67 -32.08 14.42
C LYS B 311 -21.80 -31.37 13.08
N TRP B 312 -20.87 -31.62 12.15
CA TRP B 312 -20.82 -30.87 10.90
C TRP B 312 -21.15 -31.69 9.65
N GLU B 313 -21.61 -32.93 9.80
CA GLU B 313 -21.91 -33.74 8.63
C GLU B 313 -23.22 -33.39 7.95
N LYS B 314 -24.08 -32.57 8.57
CA LYS B 314 -25.32 -32.19 7.92
C LYS B 314 -25.22 -30.86 7.18
N LYS B 315 -24.33 -29.97 7.62
CA LYS B 315 -24.10 -28.72 6.91
C LYS B 315 -23.06 -28.85 5.80
N TYR B 316 -22.05 -29.69 6.00
CA TYR B 316 -21.05 -29.98 4.97
C TYR B 316 -20.66 -31.45 5.09
N PRO B 317 -21.37 -32.33 4.40
CA PRO B 317 -21.11 -33.77 4.60
C PRO B 317 -19.83 -34.26 3.95
N ALA B 318 -19.49 -33.74 2.76
CA ALA B 318 -18.45 -34.34 1.94
C ALA B 318 -17.04 -33.95 2.38
N ALA B 319 -16.87 -32.96 3.25
CA ALA B 319 -15.53 -32.51 3.61
C ALA B 319 -14.90 -33.42 4.67
N MET B 320 -15.49 -33.46 5.86
CA MET B 320 -14.88 -34.19 6.97
C MET B 320 -14.77 -35.68 6.70
N LYS B 321 -15.64 -36.22 5.82
CA LYS B 321 -15.50 -37.60 5.39
C LYS B 321 -14.08 -37.88 4.93
N SER B 322 -13.55 -37.00 4.07
CA SER B 322 -12.17 -37.15 3.61
C SER B 322 -11.21 -37.29 4.79
N TRP B 323 -11.39 -36.44 5.81
CA TRP B 323 -10.58 -36.53 7.02
C TRP B 323 -10.59 -37.96 7.57
N LYS B 324 -11.79 -38.52 7.74
CA LYS B 324 -11.89 -39.90 8.22
C LYS B 324 -11.13 -40.85 7.31
N SER B 325 -11.31 -40.69 5.99
CA SER B 325 -10.62 -41.55 5.03
C SER B 325 -9.11 -41.43 5.17
N ASN B 326 -8.63 -40.27 5.60
CA ASN B 326 -7.19 -40.04 5.76
C ASN B 326 -6.73 -40.21 7.20
N TRP B 327 -7.62 -40.65 8.10
CA TRP B 327 -7.25 -40.71 9.51
C TRP B 327 -6.12 -41.70 9.76
N ASP B 328 -6.04 -42.77 8.97
CA ASP B 328 -4.94 -43.73 9.09
C ASP B 328 -3.60 -43.05 8.88
N VAL B 329 -3.56 -41.96 8.11
CA VAL B 329 -2.32 -41.28 7.81
C VAL B 329 -2.02 -40.17 8.82
N ILE B 330 -3.05 -39.57 9.42
CA ILE B 330 -2.85 -38.47 10.37
C ILE B 330 -2.56 -38.95 11.77
N CYS B 331 -2.72 -40.25 12.04
CA CYS B 331 -2.54 -40.77 13.39
C CYS B 331 -1.15 -40.50 13.99
N PRO B 332 -0.03 -40.71 13.30
CA PRO B 332 1.28 -40.57 13.95
C PRO B 332 1.63 -39.15 14.40
N PHE B 333 0.77 -38.15 14.13
CA PHE B 333 1.11 -36.77 14.50
C PHE B 333 1.20 -36.60 16.02
N PHE B 334 0.35 -37.31 16.77
CA PHE B 334 0.31 -37.15 18.22
C PHE B 334 1.54 -37.71 18.92
N LYS B 335 2.38 -38.48 18.22
CA LYS B 335 3.59 -39.01 18.83
C LYS B 335 4.57 -37.90 19.20
N TYR B 336 4.44 -36.73 18.59
CA TYR B 336 5.31 -35.61 18.92
C TYR B 336 4.91 -35.00 20.28
N SER B 337 5.85 -34.26 20.85
CA SER B 337 5.57 -33.50 22.05
C SER B 337 4.79 -32.23 21.68
N GLU B 338 4.43 -31.46 22.71
CA GLU B 338 3.66 -30.24 22.47
C GLU B 338 4.46 -29.23 21.64
N GLU B 339 5.78 -29.18 21.85
CA GLU B 339 6.61 -28.22 21.13
C GLU B 339 6.63 -28.51 19.64
N LEU B 340 6.80 -29.79 19.27
CA LEU B 340 6.80 -30.14 17.86
C LEU B 340 5.45 -29.86 17.21
N ARG B 341 4.36 -30.15 17.92
CA ARG B 341 3.04 -29.80 17.42
C ARG B 341 2.93 -28.31 17.13
N LYS B 342 3.32 -27.48 18.12
CA LYS B 342 3.25 -26.04 17.94
C LYS B 342 4.09 -25.58 16.77
N ILE B 343 5.30 -26.11 16.63
CA ILE B 343 6.16 -25.70 15.51
C ILE B 343 5.54 -26.14 14.19
N MET B 344 4.75 -27.23 14.21
CA MET B 344 4.13 -27.70 12.98
C MET B 344 2.96 -26.83 12.56
N TYR B 345 1.95 -26.70 13.42
CA TYR B 345 0.68 -26.09 13.02
C TYR B 345 0.66 -24.57 13.17
N THR B 346 1.82 -23.91 13.22
CA THR B 346 1.82 -22.46 13.39
C THR B 346 1.37 -21.75 12.12
N THR B 347 1.88 -22.17 10.96
CA THR B 347 1.44 -21.74 9.63
C THR B 347 1.60 -20.24 9.39
N ASN B 348 2.17 -19.51 10.35
CA ASN B 348 2.31 -18.06 10.22
C ASN B 348 3.24 -17.71 9.06
N THR B 349 4.32 -18.46 8.88
CA THR B 349 5.22 -18.21 7.75
C THR B 349 4.49 -18.46 6.43
N ILE B 350 3.66 -19.51 6.38
CA ILE B 350 2.90 -19.79 5.17
C ILE B 350 1.92 -18.65 4.89
N GLU B 351 1.32 -18.09 5.93
CA GLU B 351 0.37 -16.99 5.73
C GLU B 351 1.09 -15.73 5.26
N SER B 352 2.28 -15.44 5.79
CA SER B 352 3.06 -14.30 5.32
C SER B 352 3.44 -14.48 3.86
N LEU B 353 3.90 -15.69 3.50
CA LEU B 353 4.21 -15.97 2.10
C LEU B 353 2.99 -15.83 1.21
N ASN B 354 1.82 -16.26 1.71
CA ASN B 354 0.60 -16.16 0.92
C ASN B 354 0.17 -14.70 0.73
N SER B 355 0.38 -13.86 1.76
CA SER B 355 0.06 -12.44 1.60
C SER B 355 1.00 -11.77 0.60
N SER B 356 2.29 -12.12 0.66
CA SER B 356 3.23 -11.60 -0.34
C SER B 356 2.85 -12.06 -1.74
N TYR B 357 2.48 -13.33 -1.88
CA TYR B 357 2.09 -13.86 -3.18
C TYR B 357 0.78 -13.26 -3.65
N ARG B 358 -0.09 -12.84 -2.73
CA ARG B 358 -1.30 -12.13 -3.12
C ARG B 358 -0.97 -10.74 -3.64
N ARG B 359 -0.08 -10.03 -2.95
CA ARG B 359 0.39 -8.74 -3.47
C ARG B 359 1.06 -8.90 -4.81
N ILE B 360 1.66 -10.06 -5.08
CA ILE B 360 2.27 -10.30 -6.39
C ILE B 360 1.20 -10.65 -7.43
N ASN B 361 0.21 -11.46 -7.05
CA ASN B 361 -0.82 -11.87 -7.99
C ASN B 361 -1.71 -10.70 -8.40
N LYS B 362 -1.90 -9.73 -7.51
CA LYS B 362 -2.73 -8.58 -7.85
C LYS B 362 -2.06 -7.70 -8.91
N SER B 363 -0.77 -7.42 -8.75
CA SER B 363 -0.11 -6.41 -9.55
C SER B 363 1.00 -6.91 -10.46
N ARG B 364 1.60 -8.07 -10.18
CA ARG B 364 2.77 -8.51 -10.92
C ARG B 364 2.46 -9.44 -12.09
N THR B 365 1.27 -10.03 -12.15
CA THR B 365 0.91 -10.91 -13.25
C THR B 365 0.60 -10.06 -14.48
N VAL B 366 1.65 -9.71 -15.22
CA VAL B 366 1.51 -8.85 -16.39
C VAL B 366 2.12 -9.49 -17.62
N PHE B 367 3.37 -9.91 -17.51
CA PHE B 367 4.16 -10.46 -18.60
C PHE B 367 4.18 -11.97 -18.55
N PRO B 368 4.73 -12.64 -19.59
CA PRO B 368 4.93 -14.09 -19.53
C PRO B 368 5.56 -14.57 -18.23
N GLY B 369 4.79 -15.33 -17.46
CA GLY B 369 5.30 -15.86 -16.22
C GLY B 369 6.33 -16.96 -16.37
N ASP B 370 6.77 -17.27 -17.59
CA ASP B 370 7.85 -18.25 -17.76
C ASP B 370 9.10 -17.80 -17.03
N GLN B 371 9.38 -16.49 -17.03
CA GLN B 371 10.38 -15.91 -16.17
C GLN B 371 9.79 -14.95 -15.14
N SER B 372 8.64 -14.34 -15.44
CA SER B 372 8.08 -13.31 -14.55
C SER B 372 7.54 -13.92 -13.25
N LEU B 373 6.86 -15.06 -13.33
CA LEU B 373 6.36 -15.71 -12.13
C LEU B 373 7.51 -16.14 -11.22
N LEU B 374 8.55 -16.73 -11.81
CA LEU B 374 9.73 -17.10 -11.03
C LEU B 374 10.39 -15.88 -10.41
N LYS B 375 10.49 -14.79 -11.16
CA LYS B 375 11.06 -13.55 -10.61
C LYS B 375 10.25 -13.05 -9.43
N SER B 376 8.93 -13.01 -9.57
CA SER B 376 8.08 -12.49 -8.51
C SER B 376 8.19 -13.35 -7.25
N ILE B 377 8.13 -14.67 -7.42
CA ILE B 377 8.23 -15.57 -6.27
C ILE B 377 9.60 -15.44 -5.60
N TYR B 378 10.66 -15.37 -6.41
CA TYR B 378 12.00 -15.23 -5.85
C TYR B 378 12.15 -13.91 -5.10
N LEU B 379 11.58 -12.84 -5.64
CA LEU B 379 11.67 -11.53 -4.98
C LEU B 379 10.91 -11.53 -3.67
N ALA B 380 9.71 -12.12 -3.64
CA ALA B 380 8.97 -12.22 -2.38
C ALA B 380 9.73 -13.05 -1.36
N THR B 381 10.28 -14.20 -1.78
CA THR B 381 10.99 -15.06 -0.85
C THR B 381 12.25 -14.38 -0.31
N VAL B 382 12.98 -13.66 -1.15
CA VAL B 382 14.19 -13.01 -0.67
C VAL B 382 13.83 -11.80 0.19
N LYS B 383 12.72 -11.12 -0.11
CA LYS B 383 12.26 -10.04 0.76
C LYS B 383 11.90 -10.56 2.13
N ILE B 384 11.36 -11.78 2.21
CA ILE B 384 11.07 -12.37 3.52
C ILE B 384 12.36 -12.81 4.21
N THR B 385 13.23 -13.52 3.48
CA THR B 385 14.41 -14.12 4.07
C THR B 385 15.51 -13.11 4.41
N SER B 386 15.44 -11.89 3.90
CA SER B 386 16.43 -10.88 4.25
C SER B 386 16.36 -10.55 5.74
N LYS B 387 15.17 -10.22 6.23
CA LYS B 387 14.94 -9.96 7.64
C LYS B 387 14.40 -11.18 8.37
N TRP B 388 14.33 -12.33 7.71
CA TRP B 388 13.85 -13.58 8.29
C TRP B 388 14.99 -14.46 8.78
N THR B 389 16.10 -13.86 9.19
CA THR B 389 17.28 -14.60 9.63
C THR B 389 17.31 -14.86 11.13
N MET B 390 16.28 -14.44 11.86
CA MET B 390 16.26 -14.64 13.31
C MET B 390 16.12 -16.13 13.63
N ARG B 391 16.78 -16.55 14.70
CA ARG B 391 16.75 -17.95 15.09
C ARG B 391 15.38 -18.32 15.67
N TYR B 392 15.19 -19.61 15.93
CA TYR B 392 13.92 -20.13 16.38
C TYR B 392 13.81 -20.06 17.90
N LYS B 393 12.58 -20.18 18.39
CA LYS B 393 12.30 -20.10 19.81
C LYS B 393 12.41 -21.47 20.46
N ASN B 394 13.01 -21.50 21.65
CA ASN B 394 13.24 -22.72 22.45
C ASN B 394 13.65 -23.92 21.59
N TRP B 395 14.56 -23.69 20.65
CA TRP B 395 14.93 -24.73 19.70
C TRP B 395 15.75 -25.84 20.35
N GLY B 396 16.42 -25.59 21.47
CA GLY B 396 17.28 -26.60 22.06
C GLY B 396 16.50 -27.81 22.55
N LEU B 397 15.38 -27.59 23.23
CA LEU B 397 14.57 -28.69 23.72
C LEU B 397 13.95 -29.47 22.56
N ILE B 398 13.52 -28.76 21.52
CA ILE B 398 12.99 -29.42 20.33
C ILE B 398 14.08 -30.27 19.67
N LEU B 399 15.31 -29.77 19.65
CA LEU B 399 16.43 -30.51 19.07
C LEU B 399 16.72 -31.77 19.87
N GLY B 400 16.71 -31.66 21.20
CA GLY B 400 16.89 -32.84 22.04
C GLY B 400 15.79 -33.87 21.80
N GLN B 401 14.54 -33.41 21.71
CA GLN B 401 13.44 -34.34 21.46
C GLN B 401 13.54 -34.98 20.10
N LEU B 402 14.02 -34.25 19.09
CA LEU B 402 14.18 -34.83 17.76
C LEU B 402 15.33 -35.82 17.72
N GLN B 403 16.40 -35.54 18.47
CA GLN B 403 17.55 -36.46 18.48
C GLN B 403 17.25 -37.72 19.27
N ILE B 404 16.37 -37.63 20.27
CA ILE B 404 15.98 -38.85 20.99
C ILE B 404 14.88 -39.59 20.25
N MET B 405 14.04 -38.88 19.48
CA MET B 405 12.96 -39.52 18.76
C MET B 405 13.45 -40.22 17.50
N PHE B 406 14.48 -39.67 16.85
CA PHE B 406 15.16 -40.32 15.74
C PHE B 406 16.61 -40.50 16.18
N GLU B 407 16.86 -41.60 16.90
CA GLU B 407 18.17 -41.83 17.50
C GLU B 407 19.19 -42.28 16.47
N GLY B 408 18.81 -43.19 15.58
CA GLY B 408 19.70 -43.68 14.56
C GLY B 408 19.89 -42.68 13.43
N ARG B 409 20.54 -41.57 13.73
CA ARG B 409 20.76 -40.52 12.74
C ARG B 409 22.26 -40.32 12.48
#